data_5SO1
#
_entry.id   5SO1
#
_cell.length_a   137.394
_cell.length_b   65.190
_cell.length_c   84.337
_cell.angle_alpha   90.000
_cell.angle_beta   93.470
_cell.angle_gamma   90.000
#
_symmetry.space_group_name_H-M   'C 1 2 1'
#
loop_
_entity.id
_entity.type
_entity.pdbx_description
1 polymer '3-oxoacyl-[acyl-carrier-protein] synthase 2'
2 non-polymer cyclopropyl-[4-(4-fluorophenyl)piperazin-1-yl]methanone
3 non-polymer 'DIMETHYL SULFOXIDE'
4 non-polymer 'PHOSPHATE ION'
5 water water
#
_entity_poly.entity_id   1
_entity_poly.type   'polypeptide(L)'
_entity_poly.pdbx_seq_one_letter_code
;MSRRRVVITGMGMLSPLGLDVPSSWEGILAGRSGIAPIEHMDLSAYSTRFGGSVKGFNVEEYLSAKEARKLDLFIQYGLA
ASFQAVRDSGLEVTDANRERIGVSMGSGIGGLTNIENNCRSLFEQGPRRISPFFVPGSIINMVSGFLSIHLGLQGPNYAL
TTAQTTGTHSIGMAARNIAYGEADVMVAGGSEMAACGLGLGGFGAARALSTRNDEPTRASRPWDRDRDGFVLSDGSGALV
LEELEHARARGARIYAELVGFGMSGDAFHMTAPPEDGAGAARCMKNALRDAGLDPRQVDYINAHGTSTPAGDIAEIAAVK
SVFGEHAHALSMSSTKSMTGHLLGAAGAVEAIFSVLALRDQVAPPTINLDNPDEGCDLDLVAHEAKPRKIDVALSNSFGF
GGTNGTLVFRRFAD
;
_entity_poly.pdbx_strand_id   A,B
#
loop_
_chem_comp.id
_chem_comp.type
_chem_comp.name
_chem_comp.formula
DMS non-polymer 'DIMETHYL SULFOXIDE' 'C2 H6 O S'
GX4 non-polymer cyclopropyl-[4-(4-fluorophenyl)piperazin-1-yl]methanone 'C14 H17 F N2 O'
PO4 non-polymer 'PHOSPHATE ION' 'O4 P -3'
#
# COMPACT_ATOMS: atom_id res chain seq x y z
N SER A 2 6.79 17.59 19.55
CA SER A 2 6.74 16.20 20.10
C SER A 2 5.40 15.53 19.74
N ARG A 3 5.20 14.28 20.19
CA ARG A 3 4.15 13.37 19.70
C ARG A 3 2.75 13.84 20.16
N ARG A 4 1.83 14.04 19.23
CA ARG A 4 0.51 14.64 19.52
C ARG A 4 -0.53 13.53 19.65
N ARG A 5 -1.61 13.81 20.36
CA ARG A 5 -2.74 12.85 20.56
C ARG A 5 -3.71 12.89 19.37
N VAL A 6 -4.40 11.77 19.12
CA VAL A 6 -5.22 11.55 17.91
C VAL A 6 -6.55 10.94 18.31
N VAL A 7 -7.63 11.61 17.87
CA VAL A 7 -9.01 11.22 18.26
C VAL A 7 -9.77 10.92 16.95
N ILE A 8 -10.90 10.22 17.08
CA ILE A 8 -11.83 9.85 16.00
C ILE A 8 -13.04 10.80 16.04
N THR A 9 -13.25 11.56 14.97
CA THR A 9 -14.30 12.62 14.89
C THR A 9 -15.31 12.27 13.79
N GLY A 10 -15.11 11.18 13.05
CA GLY A 10 -15.97 10.83 11.91
C GLY A 10 -15.78 9.37 11.56
N MET A 11 -16.86 8.69 11.21
CA MET A 11 -16.76 7.29 10.74
C MET A 11 -17.77 7.09 9.60
N GLY A 12 -17.47 6.12 8.74
CA GLY A 12 -18.32 5.78 7.60
C GLY A 12 -18.11 4.35 7.25
N MET A 13 -19.12 3.72 6.63
CA MET A 13 -19.11 2.27 6.39
C MET A 13 -20.16 1.84 5.35
N LEU A 14 -19.76 0.89 4.51
CA LEU A 14 -20.62 -0.11 3.85
C LEU A 14 -20.21 -1.51 4.32
N SER A 15 -21.19 -2.29 4.71
CA SER A 15 -20.95 -3.67 5.19
C SER A 15 -22.09 -4.52 4.67
N PRO A 16 -21.93 -5.86 4.77
CA PRO A 16 -23.04 -6.76 4.50
C PRO A 16 -24.20 -6.54 5.47
N LEU A 17 -24.04 -5.73 6.52
CA LEU A 17 -25.15 -5.46 7.47
C LEU A 17 -25.82 -4.11 7.20
N GLY A 18 -25.29 -3.27 6.30
CA GLY A 18 -25.93 -1.97 6.04
C GLY A 18 -25.11 -0.98 5.21
N LEU A 19 -25.77 0.08 4.75
CA LEU A 19 -25.20 1.09 3.83
C LEU A 19 -24.64 2.27 4.62
N ASP A 20 -24.52 2.16 5.95
CA ASP A 20 -23.83 3.16 6.80
C ASP A 20 -23.45 2.52 8.14
N VAL A 21 -22.92 3.33 9.04
CA VAL A 21 -22.46 2.91 10.40
C VAL A 21 -23.65 2.51 11.25
N PRO A 22 -24.63 3.41 11.55
CA PRO A 22 -25.73 3.08 12.47
C PRO A 22 -26.54 1.86 12.03
N SER A 23 -26.82 1.68 10.74
CA SER A 23 -27.58 0.51 10.24
C SER A 23 -26.73 -0.76 10.45
N SER A 24 -25.44 -0.71 10.11
CA SER A 24 -24.49 -1.82 10.31
C SER A 24 -24.38 -2.15 11.81
N TRP A 25 -24.21 -1.15 12.67
CA TRP A 25 -24.06 -1.31 14.16
C TRP A 25 -25.31 -1.98 14.78
N GLU A 26 -26.51 -1.59 14.33
N GLU A 26 -26.51 -1.57 14.34
CA GLU A 26 -27.79 -2.21 14.78
CA GLU A 26 -27.82 -2.19 14.72
C GLU A 26 -27.76 -3.71 14.46
C GLU A 26 -27.74 -3.69 14.46
N GLY A 27 -27.29 -4.08 13.26
CA GLY A 27 -27.18 -5.51 12.87
C GLY A 27 -26.25 -6.28 13.79
N ILE A 28 -25.05 -5.73 14.04
CA ILE A 28 -23.99 -6.22 14.98
C ILE A 28 -24.64 -6.48 16.36
N LEU A 29 -25.34 -5.50 16.91
CA LEU A 29 -25.86 -5.58 18.31
C LEU A 29 -27.00 -6.59 18.38
N ALA A 30 -27.74 -6.79 17.27
CA ALA A 30 -28.87 -7.73 17.16
C ALA A 30 -28.38 -9.13 16.76
N GLY A 31 -27.08 -9.30 16.45
CA GLY A 31 -26.55 -10.62 16.12
C GLY A 31 -27.01 -11.08 14.76
N ARG A 32 -27.29 -10.17 13.85
CA ARG A 32 -27.78 -10.50 12.50
C ARG A 32 -26.59 -10.91 11.63
N SER A 33 -26.74 -11.92 10.75
CA SER A 33 -25.76 -12.31 9.69
C SER A 33 -26.11 -11.52 8.42
N GLY A 34 -25.09 -11.01 7.74
CA GLY A 34 -25.19 -10.40 6.42
C GLY A 34 -24.72 -11.35 5.34
N ILE A 35 -24.58 -12.63 5.63
CA ILE A 35 -24.06 -13.65 4.65
C ILE A 35 -25.24 -14.32 3.93
N ALA A 36 -25.14 -14.50 2.61
CA ALA A 36 -26.24 -14.95 1.72
C ALA A 36 -25.64 -15.47 0.43
N PRO A 37 -26.32 -16.43 -0.24
CA PRO A 37 -25.85 -16.90 -1.53
C PRO A 37 -25.55 -15.63 -2.33
N ILE A 38 -24.46 -15.61 -3.10
CA ILE A 38 -24.12 -14.49 -4.00
C ILE A 38 -25.07 -14.52 -5.21
N GLU A 39 -25.57 -13.37 -5.64
CA GLU A 39 -26.59 -13.24 -6.71
C GLU A 39 -26.01 -12.60 -7.98
N HIS A 40 -24.90 -11.86 -7.88
CA HIS A 40 -24.45 -10.96 -8.97
C HIS A 40 -23.67 -11.75 -10.03
N MET A 41 -23.47 -13.06 -9.84
CA MET A 41 -22.79 -13.93 -10.84
C MET A 41 -23.18 -15.40 -10.59
N ASP A 42 -22.93 -16.29 -11.54
CA ASP A 42 -23.32 -17.73 -11.46
C ASP A 42 -22.13 -18.55 -10.94
N LEU A 43 -22.27 -19.10 -9.72
CA LEU A 43 -21.16 -19.77 -8.99
C LEU A 43 -21.35 -21.30 -8.96
N SER A 44 -22.08 -21.90 -9.88
CA SER A 44 -22.37 -23.35 -9.76
C SER A 44 -21.07 -24.15 -9.99
N ALA A 45 -20.04 -23.60 -10.65
CA ALA A 45 -18.72 -24.24 -10.86
C ALA A 45 -17.80 -24.14 -9.63
N TYR A 46 -18.16 -23.31 -8.65
CA TYR A 46 -17.33 -22.92 -7.48
C TYR A 46 -17.78 -23.72 -6.26
N SER A 47 -16.83 -24.05 -5.37
CA SER A 47 -17.12 -24.85 -4.16
C SER A 47 -17.65 -23.92 -3.07
N THR A 48 -17.55 -22.60 -3.26
CA THR A 48 -18.18 -21.58 -2.36
C THR A 48 -19.02 -20.63 -3.21
N ARG A 49 -20.28 -20.49 -2.82
CA ARG A 49 -21.33 -19.82 -3.64
C ARG A 49 -22.00 -18.69 -2.86
N PHE A 50 -21.47 -18.32 -1.70
CA PHE A 50 -22.03 -17.30 -0.78
C PHE A 50 -20.91 -16.40 -0.27
N GLY A 51 -21.33 -15.32 0.39
CA GLY A 51 -20.47 -14.28 0.99
C GLY A 51 -21.30 -13.13 1.54
N GLY A 52 -20.63 -12.12 2.10
CA GLY A 52 -21.27 -10.89 2.59
C GLY A 52 -21.20 -9.83 1.51
N SER A 53 -22.25 -9.76 0.71
CA SER A 53 -22.41 -8.73 -0.35
C SER A 53 -22.90 -7.49 0.35
N VAL A 54 -22.56 -6.32 -0.18
CA VAL A 54 -23.23 -5.05 0.14
C VAL A 54 -24.54 -5.09 -0.65
N LYS A 55 -25.68 -4.92 0.01
CA LYS A 55 -27.02 -5.11 -0.59
C LYS A 55 -27.65 -3.73 -0.81
N GLY A 56 -28.05 -3.42 -2.06
CA GLY A 56 -28.81 -2.19 -2.40
C GLY A 56 -27.95 -0.93 -2.43
N PHE A 57 -26.65 -1.06 -2.64
CA PHE A 57 -25.74 0.11 -2.69
C PHE A 57 -26.07 0.94 -3.92
N ASN A 58 -26.35 2.23 -3.70
CA ASN A 58 -26.61 3.23 -4.75
C ASN A 58 -25.43 4.20 -4.85
N VAL A 59 -24.57 3.99 -5.84
CA VAL A 59 -23.36 4.85 -6.01
C VAL A 59 -23.79 6.30 -6.31
N GLU A 60 -25.00 6.51 -6.82
CA GLU A 60 -25.55 7.83 -7.23
C GLU A 60 -26.07 8.57 -6.01
N GLU A 61 -25.92 7.99 -4.82
CA GLU A 61 -25.98 8.79 -3.58
C GLU A 61 -24.68 9.59 -3.45
N TYR A 62 -23.61 9.24 -4.14
CA TYR A 62 -22.27 9.80 -3.84
C TYR A 62 -21.66 10.46 -5.06
N LEU A 63 -21.85 9.84 -6.23
CA LEU A 63 -21.09 10.19 -7.45
C LEU A 63 -22.05 10.17 -8.63
N SER A 64 -21.70 10.87 -9.72
CA SER A 64 -22.47 10.85 -10.98
C SER A 64 -22.31 9.44 -11.60
N ALA A 65 -23.34 8.98 -12.30
CA ALA A 65 -23.34 7.69 -13.01
C ALA A 65 -22.12 7.67 -13.93
N LYS A 66 -21.76 8.82 -14.51
CA LYS A 66 -20.67 8.93 -15.53
C LYS A 66 -19.29 8.61 -14.95
N GLU A 67 -19.02 9.04 -13.72
N GLU A 67 -19.06 9.10 -13.73
CA GLU A 67 -17.72 8.79 -13.04
CA GLU A 67 -17.82 8.83 -12.95
C GLU A 67 -17.79 7.42 -12.36
C GLU A 67 -17.84 7.39 -12.47
N ALA A 68 -18.93 7.04 -11.77
CA ALA A 68 -19.13 5.73 -11.14
C ALA A 68 -18.77 4.60 -12.09
N ARG A 69 -19.24 4.71 -13.34
N ARG A 69 -19.22 4.73 -13.35
CA ARG A 69 -19.09 3.67 -14.38
CA ARG A 69 -19.09 3.66 -14.38
C ARG A 69 -17.61 3.36 -14.61
C ARG A 69 -17.63 3.39 -14.69
N LYS A 70 -16.72 4.34 -14.43
CA LYS A 70 -15.25 4.18 -14.68
C LYS A 70 -14.50 3.56 -13.47
N LEU A 71 -15.13 3.36 -12.31
CA LEU A 71 -14.42 2.97 -11.07
C LEU A 71 -14.81 1.56 -10.66
N ASP A 72 -13.84 0.76 -10.22
CA ASP A 72 -14.12 -0.56 -9.61
C ASP A 72 -15.00 -0.33 -8.40
N LEU A 73 -15.85 -1.33 -8.07
CA LEU A 73 -16.68 -1.28 -6.87
C LEU A 73 -15.84 -1.01 -5.61
N PHE A 74 -14.61 -1.51 -5.53
CA PHE A 74 -13.84 -1.29 -4.27
C PHE A 74 -13.57 0.23 -4.13
N ILE A 75 -13.40 0.93 -5.25
CA ILE A 75 -13.17 2.39 -5.19
C ILE A 75 -14.50 3.06 -4.84
N GLN A 76 -15.61 2.62 -5.44
CA GLN A 76 -16.93 3.20 -5.13
C GLN A 76 -17.16 3.03 -3.61
N TYR A 77 -16.97 1.84 -3.08
CA TYR A 77 -17.21 1.52 -1.65
C TYR A 77 -16.30 2.43 -0.79
N GLY A 78 -15.03 2.52 -1.15
CA GLY A 78 -14.04 3.38 -0.46
C GLY A 78 -14.47 4.84 -0.41
N LEU A 79 -14.89 5.37 -1.53
CA LEU A 79 -15.36 6.79 -1.61
C LEU A 79 -16.65 6.95 -0.78
N ALA A 80 -17.57 5.98 -0.82
CA ALA A 80 -18.85 6.08 -0.10
C ALA A 80 -18.53 6.17 1.40
N ALA A 81 -17.74 5.25 1.92
CA ALA A 81 -17.35 5.27 3.36
C ALA A 81 -16.59 6.56 3.71
N SER A 82 -15.61 6.96 2.90
CA SER A 82 -14.81 8.19 3.07
C SER A 82 -15.74 9.42 3.17
N PHE A 83 -16.66 9.57 2.23
CA PHE A 83 -17.64 10.68 2.18
C PHE A 83 -18.51 10.70 3.45
N GLN A 84 -18.98 9.53 3.91
CA GLN A 84 -19.81 9.45 5.14
C GLN A 84 -18.96 9.98 6.28
N ALA A 85 -17.73 9.49 6.39
CA ALA A 85 -16.84 9.77 7.54
C ALA A 85 -16.59 11.28 7.61
N VAL A 86 -16.37 11.90 6.46
CA VAL A 86 -16.02 13.34 6.40
C VAL A 86 -17.26 14.19 6.76
N ARG A 87 -18.43 13.84 6.22
N ARG A 87 -18.44 13.82 6.24
CA ARG A 87 -19.72 14.47 6.61
CA ARG A 87 -19.74 14.47 6.61
C ARG A 87 -19.93 14.28 8.12
C ARG A 87 -19.98 14.27 8.11
N ASP A 88 -19.72 13.06 8.63
CA ASP A 88 -19.90 12.72 10.08
C ASP A 88 -18.93 13.54 10.95
N SER A 89 -17.80 14.00 10.41
CA SER A 89 -16.79 14.78 11.16
C SER A 89 -17.22 16.25 11.35
N GLY A 90 -18.08 16.78 10.49
CA GLY A 90 -18.38 18.22 10.41
C GLY A 90 -17.18 19.05 9.92
N LEU A 91 -16.11 18.42 9.46
CA LEU A 91 -14.89 19.20 9.13
C LEU A 91 -15.18 19.96 7.85
N GLU A 92 -14.73 21.21 7.75
CA GLU A 92 -14.85 22.01 6.50
C GLU A 92 -13.45 22.15 5.92
N VAL A 93 -13.24 21.73 4.68
CA VAL A 93 -11.95 21.87 3.98
C VAL A 93 -11.81 23.30 3.46
N THR A 94 -10.77 24.01 3.85
CA THR A 94 -10.50 25.40 3.38
C THR A 94 -9.06 25.49 2.88
N ASP A 95 -8.72 26.64 2.30
CA ASP A 95 -7.34 26.99 1.88
C ASP A 95 -6.45 26.97 3.10
N ALA A 96 -7.00 27.23 4.28
CA ALA A 96 -6.21 27.35 5.53
C ALA A 96 -5.81 25.96 5.99
N ASN A 97 -6.52 24.89 5.61
CA ASN A 97 -6.24 23.54 6.17
C ASN A 97 -6.13 22.44 5.09
N ARG A 98 -6.35 22.70 3.81
CA ARG A 98 -6.35 21.60 2.81
C ARG A 98 -4.97 20.91 2.80
N GLU A 99 -3.87 21.63 3.08
CA GLU A 99 -2.51 21.06 2.98
C GLU A 99 -2.25 20.13 4.17
N ARG A 100 -3.09 20.19 5.21
CA ARG A 100 -2.93 19.49 6.51
C ARG A 100 -3.91 18.33 6.63
N ILE A 101 -4.64 18.04 5.55
CA ILE A 101 -5.62 16.92 5.51
C ILE A 101 -5.21 15.98 4.38
N GLY A 102 -4.92 14.74 4.72
CA GLY A 102 -4.60 13.69 3.74
C GLY A 102 -5.51 12.49 3.88
N VAL A 103 -5.15 11.42 3.22
CA VAL A 103 -6.01 10.22 3.11
C VAL A 103 -5.12 9.00 2.87
N SER A 104 -5.41 7.94 3.62
CA SER A 104 -4.78 6.60 3.52
C SER A 104 -5.92 5.58 3.58
N MET A 105 -6.49 5.34 2.43
CA MET A 105 -7.53 4.31 2.26
C MET A 105 -6.91 3.20 1.38
N GLY A 106 -6.88 2.00 1.94
CA GLY A 106 -6.16 0.86 1.39
C GLY A 106 -7.08 -0.24 0.94
N SER A 107 -6.49 -1.26 0.34
CA SER A 107 -7.21 -2.47 -0.10
C SER A 107 -6.23 -3.64 -0.17
N GLY A 108 -6.70 -4.84 0.15
CA GLY A 108 -5.87 -6.06 0.07
C GLY A 108 -5.63 -6.45 -1.38
N ILE A 109 -6.71 -6.50 -2.16
CA ILE A 109 -6.74 -7.11 -3.53
C ILE A 109 -7.11 -6.04 -4.56
N GLY A 110 -7.86 -5.00 -4.19
CA GLY A 110 -8.12 -3.89 -5.11
C GLY A 110 -9.04 -4.31 -6.24
N GLY A 111 -8.74 -3.92 -7.47
CA GLY A 111 -9.77 -3.85 -8.51
C GLY A 111 -9.89 -5.19 -9.22
N LEU A 112 -10.23 -6.26 -8.52
CA LEU A 112 -10.18 -7.62 -9.09
C LEU A 112 -11.22 -7.76 -10.21
N THR A 113 -12.46 -7.29 -9.97
CA THR A 113 -13.59 -7.32 -10.93
C THR A 113 -13.16 -6.64 -12.25
N ASN A 114 -12.67 -5.40 -12.14
CA ASN A 114 -12.28 -4.59 -13.31
C ASN A 114 -11.17 -5.33 -14.03
N ILE A 115 -10.24 -5.92 -13.30
CA ILE A 115 -9.03 -6.51 -13.96
C ILE A 115 -9.50 -7.76 -14.70
N GLU A 116 -10.41 -8.50 -14.09
CA GLU A 116 -10.99 -9.74 -14.66
C GLU A 116 -11.73 -9.39 -15.97
N ASN A 117 -12.66 -8.44 -15.89
CA ASN A 117 -13.49 -8.01 -17.05
C ASN A 117 -12.59 -7.49 -18.17
N ASN A 118 -11.59 -6.67 -17.85
CA ASN A 118 -10.65 -6.17 -18.88
C ASN A 118 -9.77 -7.30 -19.36
N CYS A 119 -9.44 -8.28 -18.50
CA CYS A 119 -8.65 -9.45 -18.95
C CYS A 119 -9.49 -10.27 -19.94
N ARG A 120 -10.79 -10.42 -19.66
CA ARG A 120 -11.76 -11.12 -20.54
C ARG A 120 -11.83 -10.41 -21.90
N SER A 121 -11.91 -9.07 -21.92
CA SER A 121 -11.91 -8.24 -23.16
C SER A 121 -10.64 -8.49 -23.98
N LEU A 122 -9.49 -8.55 -23.32
CA LEU A 122 -8.16 -8.73 -23.96
C LEU A 122 -8.08 -10.12 -24.59
N PHE A 123 -8.57 -11.18 -23.94
CA PHE A 123 -8.43 -12.58 -24.42
C PHE A 123 -9.53 -12.92 -25.42
N GLU A 124 -10.77 -12.47 -25.21
CA GLU A 124 -11.90 -12.82 -26.09
C GLU A 124 -11.81 -11.93 -27.33
N GLN A 125 -11.34 -10.69 -27.20
CA GLN A 125 -11.51 -9.65 -28.26
C GLN A 125 -10.14 -9.08 -28.67
N GLY A 126 -9.38 -8.54 -27.72
CA GLY A 126 -8.03 -8.00 -27.99
C GLY A 126 -7.81 -6.71 -27.24
N PRO A 127 -6.58 -6.18 -27.29
CA PRO A 127 -6.20 -5.03 -26.48
C PRO A 127 -6.91 -3.72 -26.83
N ARG A 128 -7.45 -3.64 -28.05
CA ARG A 128 -8.24 -2.47 -28.50
C ARG A 128 -9.55 -2.41 -27.71
N ARG A 129 -9.94 -3.47 -27.01
CA ARG A 129 -11.18 -3.40 -26.20
C ARG A 129 -10.86 -3.18 -24.74
N ILE A 130 -9.59 -2.94 -24.35
CA ILE A 130 -9.33 -2.59 -22.91
C ILE A 130 -9.84 -1.16 -22.67
N SER A 131 -10.53 -0.94 -21.56
CA SER A 131 -11.06 0.38 -21.18
C SER A 131 -9.91 1.37 -21.00
N PRO A 132 -10.00 2.59 -21.58
CA PRO A 132 -9.03 3.64 -21.25
C PRO A 132 -8.95 3.94 -19.75
N PHE A 133 -10.00 3.63 -18.99
CA PHE A 133 -10.10 3.89 -17.54
C PHE A 133 -9.61 2.68 -16.70
N PHE A 134 -9.20 1.55 -17.32
CA PHE A 134 -8.75 0.32 -16.63
C PHE A 134 -7.78 0.67 -15.50
N VAL A 135 -6.67 1.35 -15.79
CA VAL A 135 -5.62 1.64 -14.78
C VAL A 135 -6.11 2.61 -13.71
N PRO A 136 -6.54 3.86 -14.04
CA PRO A 136 -6.95 4.79 -13.00
C PRO A 136 -8.25 4.35 -12.31
N GLY A 137 -9.00 3.43 -12.92
CA GLY A 137 -10.29 2.95 -12.37
C GLY A 137 -10.16 1.71 -11.51
N SER A 138 -8.98 1.11 -11.42
CA SER A 138 -8.76 -0.23 -10.78
C SER A 138 -7.65 -0.23 -9.71
N ILE A 139 -6.61 0.58 -9.82
CA ILE A 139 -5.40 0.48 -8.93
C ILE A 139 -5.68 1.03 -7.53
N ILE A 140 -4.99 0.49 -6.54
CA ILE A 140 -5.44 0.50 -5.12
C ILE A 140 -5.41 1.93 -4.59
N ASN A 141 -4.48 2.77 -5.06
CA ASN A 141 -4.24 4.13 -4.51
C ASN A 141 -5.30 5.14 -4.95
N MET A 142 -6.28 4.74 -5.78
CA MET A 142 -7.21 5.73 -6.39
C MET A 142 -8.41 5.95 -5.47
N VAL A 143 -8.53 5.23 -4.35
CA VAL A 143 -9.52 5.70 -3.34
C VAL A 143 -8.98 7.00 -2.75
N SER A 144 -7.72 6.97 -2.27
CA SER A 144 -7.00 8.18 -1.74
C SER A 144 -6.96 9.27 -2.82
N GLY A 145 -6.61 8.88 -4.02
CA GLY A 145 -6.60 9.73 -5.21
C GLY A 145 -7.91 10.43 -5.45
N PHE A 146 -8.99 9.68 -5.66
CA PHE A 146 -10.28 10.27 -6.07
C PHE A 146 -10.83 11.04 -4.87
N LEU A 147 -10.56 10.57 -3.66
CA LEU A 147 -11.11 11.28 -2.48
C LEU A 147 -10.48 12.68 -2.46
N SER A 148 -9.16 12.75 -2.64
N SER A 148 -9.15 12.75 -2.63
CA SER A 148 -8.40 14.03 -2.63
CA SER A 148 -8.37 14.01 -2.65
C SER A 148 -8.95 14.98 -3.70
C SER A 148 -8.95 14.97 -3.71
N ILE A 149 -9.23 14.46 -4.91
CA ILE A 149 -9.73 15.24 -6.07
C ILE A 149 -11.11 15.80 -5.74
N HIS A 150 -12.04 15.00 -5.23
CA HIS A 150 -13.44 15.43 -4.89
C HIS A 150 -13.47 16.43 -3.73
N LEU A 151 -12.60 16.30 -2.71
CA LEU A 151 -12.71 17.13 -1.48
C LEU A 151 -11.64 18.23 -1.45
N GLY A 152 -10.64 18.18 -2.34
CA GLY A 152 -9.51 19.14 -2.34
C GLY A 152 -8.52 18.90 -1.21
N LEU A 153 -8.21 17.62 -0.90
CA LEU A 153 -7.31 17.25 0.20
C LEU A 153 -5.89 17.24 -0.37
N GLN A 154 -4.98 18.07 0.15
CA GLN A 154 -3.62 18.17 -0.43
C GLN A 154 -2.56 17.61 0.54
N GLY A 155 -2.99 17.12 1.71
CA GLY A 155 -2.13 16.44 2.70
C GLY A 155 -1.46 15.18 2.15
N PRO A 156 -0.74 14.43 3.02
CA PRO A 156 -0.21 13.13 2.64
C PRO A 156 -1.29 12.23 2.01
N ASN A 157 -0.96 11.70 0.84
CA ASN A 157 -1.88 10.93 -0.01
C ASN A 157 -1.27 9.59 -0.36
N TYR A 158 -1.75 8.51 0.26
CA TYR A 158 -1.17 7.17 0.01
C TYR A 158 -2.17 6.05 0.26
N ALA A 159 -1.70 4.82 0.08
CA ALA A 159 -2.49 3.60 0.32
C ALA A 159 -1.54 2.47 0.74
N LEU A 160 -1.99 1.70 1.71
CA LEU A 160 -1.33 0.44 2.09
C LEU A 160 -2.03 -0.71 1.41
N THR A 161 -1.27 -1.77 1.23
CA THR A 161 -1.81 -3.07 0.82
C THR A 161 -1.03 -4.12 1.60
N THR A 162 -1.61 -4.55 2.71
CA THR A 162 -1.04 -5.56 3.63
C THR A 162 -2.13 -6.60 3.88
N ALA A 163 -2.84 -6.97 2.82
CA ALA A 163 -3.76 -8.12 2.78
C ALA A 163 -4.81 -7.89 3.86
N GLN A 164 -5.03 -8.86 4.74
CA GLN A 164 -6.14 -8.80 5.73
C GLN A 164 -5.82 -7.84 6.89
N THR A 165 -4.66 -7.18 6.86
CA THR A 165 -4.25 -6.26 7.95
C THR A 165 -4.40 -4.81 7.46
N THR A 166 -4.71 -4.62 6.19
CA THR A 166 -4.64 -3.32 5.49
C THR A 166 -5.36 -2.23 6.28
N GLY A 167 -6.57 -2.51 6.76
CA GLY A 167 -7.42 -1.48 7.39
C GLY A 167 -6.83 -1.03 8.71
N THR A 168 -6.30 -1.95 9.48
CA THR A 168 -5.70 -1.63 10.79
C THR A 168 -4.43 -0.82 10.54
N HIS A 169 -3.55 -1.28 9.64
CA HIS A 169 -2.30 -0.57 9.27
C HIS A 169 -2.63 0.82 8.75
N SER A 170 -3.62 0.93 7.86
CA SER A 170 -4.02 2.22 7.25
C SER A 170 -4.36 3.21 8.39
N ILE A 171 -5.23 2.80 9.31
CA ILE A 171 -5.67 3.66 10.43
C ILE A 171 -4.46 4.02 11.30
N GLY A 172 -3.64 3.04 11.69
CA GLY A 172 -2.49 3.18 12.59
C GLY A 172 -1.44 4.15 12.07
N MET A 173 -1.02 3.95 10.82
N MET A 173 -1.04 3.99 10.82
CA MET A 173 0.03 4.77 10.16
CA MET A 173 0.04 4.82 10.22
C MET A 173 -0.50 6.20 9.94
C MET A 173 -0.50 6.22 9.90
N ALA A 174 -1.78 6.34 9.57
CA ALA A 174 -2.47 7.66 9.46
C ALA A 174 -2.40 8.38 10.83
N ALA A 175 -2.60 7.67 11.93
CA ALA A 175 -2.52 8.26 13.27
C ALA A 175 -1.06 8.71 13.54
N ARG A 176 -0.08 7.92 13.11
CA ARG A 176 1.34 8.32 13.24
C ARG A 176 1.64 9.58 12.44
N ASN A 177 1.09 9.72 11.24
CA ASN A 177 1.21 10.96 10.43
C ASN A 177 0.83 12.17 11.30
N ILE A 178 -0.30 12.09 12.00
CA ILE A 178 -0.88 13.20 12.78
C ILE A 178 -0.02 13.36 14.02
N ALA A 179 0.25 12.26 14.71
CA ALA A 179 1.02 12.25 15.97
C ALA A 179 2.32 13.00 15.74
N TYR A 180 2.99 12.79 14.61
CA TYR A 180 4.31 13.38 14.34
C TYR A 180 4.21 14.71 13.57
N GLY A 181 3.02 15.26 13.32
CA GLY A 181 2.86 16.60 12.70
C GLY A 181 3.03 16.59 11.18
N GLU A 182 2.89 15.47 10.47
CA GLU A 182 2.89 15.49 8.98
C GLU A 182 1.49 15.90 8.47
N ALA A 183 0.47 15.82 9.32
CA ALA A 183 -0.93 16.18 9.01
C ALA A 183 -1.65 16.50 10.33
N ASP A 184 -2.79 17.19 10.27
CA ASP A 184 -3.68 17.44 11.43
C ASP A 184 -4.92 16.57 11.31
N VAL A 185 -5.25 16.16 10.09
CA VAL A 185 -6.42 15.30 9.81
C VAL A 185 -6.05 14.26 8.75
N MET A 186 -6.59 13.06 8.89
CA MET A 186 -6.38 11.96 7.93
C MET A 186 -7.70 11.20 7.83
N VAL A 187 -8.13 10.95 6.61
CA VAL A 187 -9.21 9.96 6.34
C VAL A 187 -8.53 8.61 6.12
N ALA A 188 -8.83 7.62 6.94
CA ALA A 188 -8.09 6.35 6.83
C ALA A 188 -9.03 5.17 7.04
N GLY A 189 -8.67 4.07 6.38
CA GLY A 189 -9.39 2.80 6.46
C GLY A 189 -9.11 1.99 5.22
N GLY A 190 -10.09 1.23 4.78
CA GLY A 190 -9.88 0.36 3.61
C GLY A 190 -11.19 -0.03 2.99
N SER A 191 -11.09 -0.60 1.79
CA SER A 191 -12.25 -1.14 1.03
C SER A 191 -11.83 -2.37 0.25
N GLU A 192 -12.82 -3.20 -0.03
CA GLU A 192 -12.58 -4.48 -0.69
C GLU A 192 -13.82 -4.89 -1.45
N MET A 193 -13.64 -5.41 -2.65
N MET A 193 -13.62 -5.46 -2.64
CA MET A 193 -14.69 -6.15 -3.41
CA MET A 193 -14.66 -6.13 -3.45
C MET A 193 -13.97 -7.21 -4.26
C MET A 193 -13.97 -7.21 -4.28
N ALA A 194 -13.73 -8.38 -3.66
CA ALA A 194 -12.94 -9.46 -4.29
C ALA A 194 -13.87 -10.62 -4.73
N ALA A 195 -15.20 -10.41 -4.68
CA ALA A 195 -16.24 -11.40 -5.03
C ALA A 195 -16.44 -11.37 -6.54
N CYS A 196 -15.46 -11.84 -7.27
CA CYS A 196 -15.55 -12.17 -8.72
C CYS A 196 -15.01 -13.60 -8.88
N GLY A 197 -15.00 -14.12 -10.11
CA GLY A 197 -14.47 -15.45 -10.42
C GLY A 197 -13.06 -15.65 -9.84
N LEU A 198 -12.13 -14.72 -10.10
CA LEU A 198 -10.72 -14.82 -9.65
C LEU A 198 -10.67 -14.86 -8.13
N GLY A 199 -11.49 -14.05 -7.48
CA GLY A 199 -11.56 -13.97 -6.01
C GLY A 199 -12.06 -15.27 -5.37
N LEU A 200 -13.29 -15.67 -5.67
CA LEU A 200 -13.87 -16.89 -5.04
C LEU A 200 -13.09 -18.13 -5.51
N GLY A 201 -12.72 -18.16 -6.79
CA GLY A 201 -11.90 -19.23 -7.34
C GLY A 201 -10.53 -19.28 -6.70
N GLY A 202 -9.88 -18.14 -6.46
CA GLY A 202 -8.49 -18.12 -5.96
C GLY A 202 -8.44 -18.60 -4.52
N PHE A 203 -9.29 -18.05 -3.67
CA PHE A 203 -9.41 -18.50 -2.27
C PHE A 203 -9.95 -19.94 -2.20
N GLY A 204 -10.89 -20.29 -3.08
CA GLY A 204 -11.40 -21.66 -3.19
C GLY A 204 -10.31 -22.66 -3.60
N ALA A 205 -9.42 -22.30 -4.53
CA ALA A 205 -8.31 -23.18 -4.98
C ALA A 205 -7.42 -23.47 -3.80
N ALA A 206 -7.27 -22.50 -2.89
CA ALA A 206 -6.42 -22.61 -1.68
C ALA A 206 -7.19 -23.31 -0.55
N ARG A 207 -8.47 -23.62 -0.76
CA ARG A 207 -9.33 -24.33 0.23
C ARG A 207 -9.40 -23.51 1.53
N ALA A 208 -9.29 -22.16 1.41
CA ALA A 208 -9.26 -21.16 2.51
C ALA A 208 -10.67 -20.80 2.99
N LEU A 209 -11.71 -21.09 2.20
CA LEU A 209 -13.10 -20.60 2.39
C LEU A 209 -13.98 -21.71 2.98
N SER A 210 -14.91 -21.33 3.86
CA SER A 210 -16.05 -22.18 4.28
C SER A 210 -16.85 -22.59 3.03
N THR A 211 -17.20 -23.86 2.94
CA THR A 211 -18.02 -24.44 1.83
C THR A 211 -19.43 -24.80 2.36
N ARG A 212 -19.89 -24.13 3.42
CA ARG A 212 -21.23 -24.33 4.00
C ARG A 212 -22.27 -23.60 3.13
N ASN A 213 -22.31 -23.92 1.85
CA ASN A 213 -23.22 -23.32 0.86
C ASN A 213 -24.67 -23.52 1.28
N ASP A 214 -24.99 -24.59 1.99
CA ASP A 214 -26.41 -24.91 2.28
C ASP A 214 -26.88 -24.18 3.53
N GLU A 215 -26.00 -23.48 4.26
CA GLU A 215 -26.42 -22.70 5.45
C GLU A 215 -25.46 -21.51 5.64
N PRO A 216 -25.46 -20.53 4.71
CA PRO A 216 -24.40 -19.51 4.69
C PRO A 216 -24.33 -18.64 5.95
N THR A 217 -25.44 -18.42 6.65
CA THR A 217 -25.46 -17.53 7.83
C THR A 217 -24.73 -18.21 9.00
N ARG A 218 -24.53 -19.53 8.93
CA ARG A 218 -23.88 -20.34 9.98
C ARG A 218 -22.42 -20.67 9.59
N ALA A 219 -21.94 -20.26 8.42
CA ALA A 219 -20.60 -20.58 7.87
C ALA A 219 -19.50 -19.99 8.76
N SER A 220 -19.60 -18.68 9.04
CA SER A 220 -18.61 -17.91 9.85
C SER A 220 -18.88 -18.17 11.34
N ARG A 221 -18.02 -18.93 11.98
CA ARG A 221 -18.29 -19.48 13.34
C ARG A 221 -16.95 -19.55 14.05
N PRO A 222 -16.35 -18.36 14.31
CA PRO A 222 -15.02 -18.26 14.89
C PRO A 222 -14.94 -18.96 16.26
N TRP A 223 -13.94 -19.82 16.44
CA TRP A 223 -13.65 -20.60 17.69
C TRP A 223 -14.63 -21.79 17.87
N ASP A 224 -15.58 -21.96 16.95
CA ASP A 224 -16.49 -23.13 16.96
C ASP A 224 -15.77 -24.36 16.39
N ARG A 225 -15.98 -25.55 16.99
CA ARG A 225 -15.28 -26.79 16.55
C ARG A 225 -15.66 -27.11 15.11
N ASP A 226 -16.77 -26.61 14.57
CA ASP A 226 -17.21 -27.02 13.22
C ASP A 226 -16.91 -25.93 12.18
N ARG A 227 -16.03 -24.98 12.45
CA ARG A 227 -15.58 -23.94 11.48
C ARG A 227 -14.75 -24.61 10.39
N ASP A 228 -14.80 -24.09 9.16
CA ASP A 228 -14.14 -24.74 8.00
C ASP A 228 -13.56 -23.67 7.05
N GLY A 229 -13.18 -22.49 7.57
CA GLY A 229 -12.55 -21.42 6.77
C GLY A 229 -13.36 -20.13 6.75
N PHE A 230 -12.81 -19.09 6.17
CA PHE A 230 -13.40 -17.75 6.33
C PHE A 230 -14.50 -17.61 5.27
N VAL A 231 -15.33 -16.60 5.48
CA VAL A 231 -16.44 -16.21 4.60
C VAL A 231 -16.02 -14.89 3.95
N LEU A 232 -16.04 -14.81 2.62
CA LEU A 232 -15.54 -13.62 1.90
C LEU A 232 -16.66 -12.58 1.85
N SER A 233 -16.34 -11.35 2.23
CA SER A 233 -17.29 -10.23 2.34
C SER A 233 -16.66 -8.95 1.78
N ASP A 234 -17.53 -8.04 1.40
CA ASP A 234 -17.23 -6.82 0.62
C ASP A 234 -17.63 -5.64 1.50
N GLY A 235 -16.94 -4.53 1.29
CA GLY A 235 -17.40 -3.26 1.85
C GLY A 235 -16.23 -2.34 2.13
N SER A 236 -16.45 -1.42 3.07
N SER A 236 -16.45 -1.38 3.02
CA SER A 236 -15.59 -0.22 3.30
CA SER A 236 -15.50 -0.27 3.30
C SER A 236 -15.75 0.27 4.75
C SER A 236 -15.74 0.30 4.71
N GLY A 237 -14.65 0.71 5.35
CA GLY A 237 -14.65 1.48 6.60
C GLY A 237 -13.74 2.69 6.40
N ALA A 238 -14.19 3.87 6.80
CA ALA A 238 -13.37 5.10 6.82
C ALA A 238 -13.57 5.80 8.17
N LEU A 239 -12.49 6.35 8.70
CA LEU A 239 -12.45 7.11 9.97
C LEU A 239 -11.79 8.44 9.70
N VAL A 240 -12.28 9.49 10.35
CA VAL A 240 -11.57 10.79 10.33
C VAL A 240 -10.73 10.82 11.60
N LEU A 241 -9.42 10.83 11.41
CA LEU A 241 -8.46 10.95 12.52
C LEU A 241 -8.07 12.42 12.58
N GLU A 242 -8.10 12.99 13.78
CA GLU A 242 -7.81 14.42 14.01
C GLU A 242 -6.85 14.60 15.19
N GLU A 243 -5.85 15.45 15.05
CA GLU A 243 -5.08 15.90 16.22
C GLU A 243 -6.06 16.45 17.26
N LEU A 244 -5.82 16.13 18.54
CA LEU A 244 -6.75 16.39 19.67
C LEU A 244 -7.05 17.88 19.76
N GLU A 245 -6.01 18.72 19.79
CA GLU A 245 -6.14 20.19 20.00
C GLU A 245 -6.93 20.78 18.82
N HIS A 246 -6.63 20.32 17.58
CA HIS A 246 -7.38 20.70 16.36
C HIS A 246 -8.86 20.33 16.56
N ALA A 247 -9.15 19.14 17.11
CA ALA A 247 -10.54 18.70 17.30
C ALA A 247 -11.21 19.57 18.37
N ARG A 248 -10.47 19.86 19.45
CA ARG A 248 -10.96 20.69 20.59
C ARG A 248 -11.25 22.10 20.08
N ALA A 249 -10.26 22.69 19.42
CA ALA A 249 -10.32 24.05 18.84
C ALA A 249 -11.62 24.25 18.05
N ARG A 250 -12.03 23.31 17.17
CA ARG A 250 -13.26 23.47 16.34
C ARG A 250 -14.50 22.89 17.06
N GLY A 251 -14.42 22.43 18.31
CA GLY A 251 -15.60 21.90 19.00
C GLY A 251 -16.10 20.60 18.35
N ALA A 252 -15.21 19.76 17.80
CA ALA A 252 -15.64 18.53 17.10
C ALA A 252 -16.21 17.57 18.14
N ARG A 253 -17.19 16.77 17.76
CA ARG A 253 -17.61 15.60 18.54
C ARG A 253 -16.49 14.55 18.45
N ILE A 254 -16.04 14.04 19.59
CA ILE A 254 -14.97 13.01 19.66
C ILE A 254 -15.58 11.67 20.09
N TYR A 255 -15.53 10.68 19.22
CA TYR A 255 -16.04 9.33 19.51
C TYR A 255 -15.16 8.66 20.58
N ALA A 256 -13.84 8.83 20.43
CA ALA A 256 -12.83 8.07 21.19
C ALA A 256 -11.44 8.56 20.82
N GLU A 257 -10.45 8.20 21.65
CA GLU A 257 -9.03 8.48 21.39
C GLU A 257 -8.33 7.20 20.93
N LEU A 258 -7.51 7.31 19.90
N LEU A 258 -7.48 7.34 19.93
CA LEU A 258 -6.59 6.24 19.43
CA LEU A 258 -6.56 6.28 19.41
C LEU A 258 -5.25 6.44 20.12
C LEU A 258 -5.22 6.44 20.12
N VAL A 259 -4.96 5.60 21.14
CA VAL A 259 -3.80 5.76 22.04
C VAL A 259 -2.68 4.81 21.65
N GLY A 260 -2.93 3.77 20.86
CA GLY A 260 -1.91 2.70 20.67
C GLY A 260 -1.98 2.09 19.29
N PHE A 261 -0.82 1.85 18.71
CA PHE A 261 -0.66 1.10 17.45
C PHE A 261 0.59 0.24 17.53
N GLY A 262 0.38 -1.01 17.19
CA GLY A 262 1.40 -2.05 17.06
C GLY A 262 1.36 -2.64 15.67
N MET A 263 2.56 -2.88 15.15
CA MET A 263 2.85 -3.69 13.97
C MET A 263 3.95 -4.62 14.39
N SER A 264 3.98 -5.81 13.79
CA SER A 264 5.00 -6.85 14.00
C SER A 264 4.82 -7.82 12.85
N GLY A 265 5.90 -8.27 12.23
CA GLY A 265 5.88 -9.45 11.35
C GLY A 265 6.09 -10.70 12.16
N ASP A 266 5.36 -11.77 11.88
CA ASP A 266 5.54 -13.13 12.45
C ASP A 266 6.86 -13.69 11.92
N ALA A 267 7.15 -13.44 10.65
CA ALA A 267 8.28 -14.05 9.94
C ALA A 267 8.14 -15.57 10.05
N PHE A 268 6.90 -16.06 10.10
CA PHE A 268 6.59 -17.50 10.30
C PHE A 268 6.33 -18.18 8.95
N HIS A 269 5.25 -17.83 8.24
CA HIS A 269 4.74 -18.51 7.02
C HIS A 269 3.94 -17.54 6.12
N MET A 270 3.93 -17.79 4.81
CA MET A 270 3.24 -16.97 3.79
C MET A 270 1.78 -16.77 4.21
N THR A 271 1.10 -17.79 4.73
CA THR A 271 -0.38 -17.78 4.86
C THR A 271 -0.87 -18.30 6.21
N ALA A 272 -0.19 -19.27 6.82
CA ALA A 272 -0.56 -19.83 8.15
C ALA A 272 0.07 -18.98 9.24
N PRO A 273 -0.71 -18.65 10.29
CA PRO A 273 -0.16 -18.03 11.49
C PRO A 273 0.51 -19.06 12.41
N PRO A 274 1.45 -18.69 13.28
CA PRO A 274 1.93 -19.66 14.28
C PRO A 274 0.83 -20.10 15.28
N GLU A 275 0.73 -21.40 15.53
CA GLU A 275 -0.17 -22.01 16.55
C GLU A 275 -0.19 -21.26 17.90
N ASP A 276 0.97 -20.76 18.35
CA ASP A 276 1.16 -20.17 19.70
C ASP A 276 0.79 -18.67 19.75
N GLY A 277 0.52 -18.01 18.64
CA GLY A 277 0.07 -16.60 18.66
C GLY A 277 1.21 -15.63 18.84
N ALA A 278 2.46 -16.06 18.57
CA ALA A 278 3.72 -15.34 18.88
C ALA A 278 3.74 -13.94 18.23
N GLY A 279 3.37 -13.84 16.95
CA GLY A 279 3.40 -12.59 16.16
C GLY A 279 2.33 -11.62 16.62
N ALA A 280 1.11 -12.13 16.77
CA ALA A 280 -0.01 -11.44 17.43
C ALA A 280 0.38 -10.95 18.84
N ALA A 281 1.06 -11.76 19.61
CA ALA A 281 1.42 -11.43 21.01
C ALA A 281 2.40 -10.26 20.97
N ARG A 282 3.43 -10.33 20.11
CA ARG A 282 4.46 -9.26 19.98
C ARG A 282 3.74 -7.98 19.59
N CYS A 283 2.80 -8.09 18.64
CA CYS A 283 2.04 -6.93 18.11
C CYS A 283 1.20 -6.26 19.21
N MET A 284 0.41 -7.03 19.95
CA MET A 284 -0.50 -6.47 20.97
C MET A 284 0.34 -5.81 22.08
N LYS A 285 1.46 -6.43 22.45
CA LYS A 285 2.38 -5.91 23.49
C LYS A 285 2.99 -4.60 23.01
N ASN A 286 3.37 -4.51 21.73
CA ASN A 286 3.94 -3.26 21.17
C ASN A 286 2.87 -2.18 21.32
N ALA A 287 1.64 -2.53 20.90
CA ALA A 287 0.45 -1.64 20.93
C ALA A 287 0.18 -1.15 22.38
N LEU A 288 0.23 -2.05 23.36
CA LEU A 288 -0.11 -1.71 24.75
C LEU A 288 0.97 -0.79 25.31
N ARG A 289 2.25 -1.11 25.03
CA ARG A 289 3.39 -0.26 25.48
C ARG A 289 3.29 1.12 24.84
N ASP A 290 2.99 1.16 23.55
CA ASP A 290 2.75 2.42 22.77
C ASP A 290 1.65 3.27 23.42
N ALA A 291 0.56 2.66 23.91
CA ALA A 291 -0.52 3.34 24.67
C ALA A 291 -0.12 3.61 26.14
N GLY A 292 1.04 3.20 26.63
CA GLY A 292 1.45 3.39 28.06
C GLY A 292 0.45 2.74 29.02
N LEU A 293 -0.08 1.56 28.69
CA LEU A 293 -1.16 0.89 29.46
C LEU A 293 -0.64 -0.33 30.23
N ASP A 294 -1.23 -0.54 31.39
CA ASP A 294 -1.28 -1.86 32.07
C ASP A 294 -2.21 -2.75 31.22
N PRO A 295 -1.81 -3.97 30.82
CA PRO A 295 -2.69 -4.81 30.01
C PRO A 295 -4.01 -5.13 30.72
N ARG A 296 -4.06 -5.08 32.06
CA ARG A 296 -5.34 -5.30 32.78
C ARG A 296 -6.34 -4.17 32.48
N GLN A 297 -5.92 -3.07 31.86
CA GLN A 297 -6.86 -1.97 31.47
C GLN A 297 -7.74 -2.43 30.30
N VAL A 298 -7.35 -3.48 29.57
CA VAL A 298 -8.10 -3.88 28.35
C VAL A 298 -9.42 -4.58 28.74
N ASP A 299 -10.57 -4.03 28.26
CA ASP A 299 -11.94 -4.50 28.58
C ASP A 299 -12.51 -5.35 27.45
N TYR A 300 -12.23 -4.96 26.20
CA TYR A 300 -12.88 -5.51 25.00
C TYR A 300 -11.81 -5.65 23.91
N ILE A 301 -11.73 -6.84 23.32
CA ILE A 301 -10.90 -7.08 22.13
C ILE A 301 -11.84 -7.46 20.98
N ASN A 302 -11.82 -6.70 19.89
CA ASN A 302 -12.40 -7.12 18.58
C ASN A 302 -11.33 -7.96 17.90
N ALA A 303 -11.51 -9.28 17.95
CA ALA A 303 -10.54 -10.24 17.40
C ALA A 303 -10.49 -10.18 15.87
N HIS A 304 -9.38 -10.60 15.31
CA HIS A 304 -9.34 -10.96 13.89
C HIS A 304 -10.46 -11.99 13.63
N GLY A 305 -10.42 -13.16 14.30
CA GLY A 305 -11.55 -14.11 14.36
C GLY A 305 -12.12 -14.48 12.98
N THR A 306 -11.34 -15.10 12.10
CA THR A 306 -11.70 -15.34 10.67
C THR A 306 -12.52 -16.61 10.45
N SER A 307 -12.60 -17.50 11.44
CA SER A 307 -13.29 -18.82 11.37
C SER A 307 -12.39 -19.81 10.58
N THR A 308 -11.07 -19.67 10.69
CA THR A 308 -10.11 -20.70 10.23
C THR A 308 -9.68 -21.48 11.46
N PRO A 309 -9.48 -22.82 11.32
CA PRO A 309 -8.95 -23.64 12.43
C PRO A 309 -7.70 -23.03 13.07
N ALA A 310 -6.68 -22.69 12.28
CA ALA A 310 -5.35 -22.28 12.81
C ALA A 310 -5.41 -20.85 13.36
N GLY A 311 -6.03 -19.94 12.62
CA GLY A 311 -6.10 -18.50 12.95
C GLY A 311 -6.75 -18.25 14.31
N ASP A 312 -7.92 -18.84 14.51
CA ASP A 312 -8.80 -18.68 15.70
C ASP A 312 -8.06 -19.12 16.95
N ILE A 313 -7.40 -20.27 16.95
CA ILE A 313 -6.76 -20.82 18.17
C ILE A 313 -5.43 -20.09 18.44
N ALA A 314 -4.68 -19.69 17.40
CA ALA A 314 -3.50 -18.79 17.54
C ALA A 314 -3.87 -17.56 18.39
N GLU A 315 -5.06 -17.01 18.17
CA GLU A 315 -5.51 -15.75 18.79
C GLU A 315 -5.82 -15.97 20.26
N ILE A 316 -6.42 -17.10 20.60
CA ILE A 316 -6.65 -17.45 22.02
C ILE A 316 -5.29 -17.48 22.71
N ALA A 317 -4.31 -18.15 22.10
CA ALA A 317 -2.97 -18.32 22.66
C ALA A 317 -2.35 -16.93 22.87
N ALA A 318 -2.44 -16.06 21.87
CA ALA A 318 -1.81 -14.72 21.91
C ALA A 318 -2.40 -13.97 23.09
N VAL A 319 -3.74 -14.02 23.23
CA VAL A 319 -4.46 -13.25 24.28
C VAL A 319 -4.14 -13.81 25.68
N LYS A 320 -4.03 -15.12 25.83
CA LYS A 320 -3.67 -15.79 27.13
C LYS A 320 -2.24 -15.40 27.51
N SER A 321 -1.33 -15.40 26.54
CA SER A 321 0.10 -15.11 26.70
C SER A 321 0.28 -13.63 27.07
N VAL A 322 -0.43 -12.71 26.42
CA VAL A 322 -0.35 -11.24 26.69
C VAL A 322 -1.06 -10.92 28.01
N PHE A 323 -2.25 -11.44 28.25
CA PHE A 323 -3.06 -10.91 29.39
C PHE A 323 -3.03 -11.82 30.63
N GLY A 324 -2.44 -13.01 30.54
CA GLY A 324 -2.37 -13.96 31.66
C GLY A 324 -3.74 -14.12 32.25
N GLU A 325 -3.91 -13.93 33.56
CA GLU A 325 -5.21 -14.21 34.24
C GLU A 325 -6.25 -13.16 33.81
N HIS A 326 -5.82 -11.96 33.41
CA HIS A 326 -6.75 -10.91 32.93
C HIS A 326 -7.40 -11.34 31.60
N ALA A 327 -6.83 -12.32 30.90
CA ALA A 327 -7.48 -12.95 29.72
C ALA A 327 -8.88 -13.50 30.07
N HIS A 328 -9.07 -13.95 31.31
CA HIS A 328 -10.36 -14.47 31.81
C HIS A 328 -11.33 -13.35 32.20
N ALA A 329 -10.95 -12.08 32.18
CA ALA A 329 -11.82 -10.96 32.66
C ALA A 329 -12.34 -10.09 31.49
N LEU A 330 -11.49 -9.72 30.55
CA LEU A 330 -11.88 -8.97 29.32
C LEU A 330 -12.88 -9.81 28.51
N SER A 331 -13.59 -9.18 27.57
CA SER A 331 -14.47 -9.85 26.59
C SER A 331 -13.84 -9.74 25.20
N MET A 332 -13.78 -10.84 24.47
CA MET A 332 -13.28 -10.86 23.09
C MET A 332 -14.38 -11.43 22.20
N SER A 333 -14.62 -10.77 21.07
CA SER A 333 -15.60 -11.28 20.07
C SER A 333 -15.07 -11.02 18.66
N SER A 334 -15.62 -11.78 17.73
CA SER A 334 -15.38 -11.63 16.27
C SER A 334 -16.69 -11.21 15.61
N THR A 335 -16.76 -9.98 15.12
CA THR A 335 -17.90 -9.47 14.33
C THR A 335 -17.90 -10.13 12.95
N LYS A 336 -16.82 -10.82 12.57
CA LYS A 336 -16.74 -11.63 11.33
C LYS A 336 -17.74 -12.79 11.41
N SER A 337 -18.20 -13.13 12.61
CA SER A 337 -19.32 -14.07 12.83
C SER A 337 -20.55 -13.59 12.06
N MET A 338 -20.62 -12.29 11.78
CA MET A 338 -21.81 -11.64 11.23
C MET A 338 -21.50 -10.98 9.89
N THR A 339 -20.38 -10.27 9.80
CA THR A 339 -19.98 -9.48 8.61
C THR A 339 -19.31 -10.39 7.58
N GLY A 340 -18.69 -11.46 8.08
CA GLY A 340 -17.68 -12.21 7.34
C GLY A 340 -16.41 -11.40 7.24
N HIS A 341 -15.49 -11.84 6.41
CA HIS A 341 -14.09 -11.32 6.35
C HIS A 341 -13.98 -10.34 5.20
N LEU A 342 -13.85 -9.06 5.51
CA LEU A 342 -13.87 -8.00 4.48
C LEU A 342 -12.41 -7.77 4.04
N LEU A 343 -11.51 -8.69 4.39
CA LEU A 343 -10.09 -8.67 3.96
C LEU A 343 -9.50 -7.30 4.34
N GLY A 344 -8.97 -6.55 3.38
CA GLY A 344 -8.31 -5.25 3.62
C GLY A 344 -9.24 -4.25 4.30
N ALA A 345 -10.56 -4.42 4.20
CA ALA A 345 -11.49 -3.50 4.87
C ALA A 345 -11.89 -4.02 6.26
N ALA A 346 -11.55 -5.27 6.62
CA ALA A 346 -11.87 -5.88 7.93
C ALA A 346 -11.40 -4.99 9.09
N GLY A 347 -10.14 -4.53 9.04
CA GLY A 347 -9.55 -3.70 10.11
C GLY A 347 -10.28 -2.37 10.23
N ALA A 348 -10.85 -1.87 9.15
CA ALA A 348 -11.48 -0.54 9.16
C ALA A 348 -12.90 -0.65 9.76
N VAL A 349 -13.72 -1.56 9.28
CA VAL A 349 -15.08 -1.70 9.88
C VAL A 349 -14.96 -2.09 11.37
N GLU A 350 -13.95 -2.88 11.72
CA GLU A 350 -13.77 -3.46 13.09
C GLU A 350 -13.21 -2.38 14.00
N ALA A 351 -12.42 -1.44 13.47
CA ALA A 351 -11.99 -0.25 14.25
C ALA A 351 -13.25 0.55 14.63
N ILE A 352 -14.18 0.70 13.69
CA ILE A 352 -15.48 1.44 13.92
C ILE A 352 -16.29 0.65 14.95
N PHE A 353 -16.33 -0.67 14.87
CA PHE A 353 -17.13 -1.48 15.84
C PHE A 353 -16.48 -1.31 17.23
N SER A 354 -15.16 -1.29 17.30
CA SER A 354 -14.34 -1.12 18.53
C SER A 354 -14.67 0.24 19.17
N VAL A 355 -14.74 1.28 18.37
CA VAL A 355 -15.08 2.65 18.83
C VAL A 355 -16.53 2.67 19.35
N LEU A 356 -17.46 2.02 18.66
CA LEU A 356 -18.89 2.00 19.02
C LEU A 356 -19.11 1.14 20.27
N ALA A 357 -18.30 0.11 20.47
CA ALA A 357 -18.29 -0.67 21.73
C ALA A 357 -17.99 0.28 22.89
N LEU A 358 -17.05 1.23 22.69
CA LEU A 358 -16.70 2.24 23.72
C LEU A 358 -17.87 3.23 23.91
N ARG A 359 -18.48 3.74 22.85
CA ARG A 359 -19.57 4.76 22.94
C ARG A 359 -20.78 4.17 23.67
N ASP A 360 -21.16 2.93 23.36
CA ASP A 360 -22.43 2.27 23.80
C ASP A 360 -22.17 1.31 24.98
N GLN A 361 -20.92 1.02 25.32
CA GLN A 361 -20.58 0.17 26.51
C GLN A 361 -21.19 -1.21 26.28
N VAL A 362 -20.88 -1.82 25.14
CA VAL A 362 -21.41 -3.15 24.81
C VAL A 362 -20.38 -3.89 23.96
N ALA A 363 -20.13 -5.16 24.32
CA ALA A 363 -19.36 -6.11 23.53
C ALA A 363 -20.28 -6.76 22.53
N PRO A 364 -19.99 -6.58 21.22
CA PRO A 364 -20.67 -7.32 20.17
C PRO A 364 -20.50 -8.82 20.34
N PRO A 365 -21.53 -9.60 19.96
CA PRO A 365 -21.49 -11.05 20.08
C PRO A 365 -20.61 -11.69 19.02
N THR A 366 -20.10 -12.87 19.33
CA THR A 366 -19.65 -13.87 18.33
C THR A 366 -20.85 -14.78 18.08
N ILE A 367 -21.58 -14.59 16.99
CA ILE A 367 -22.71 -15.53 16.69
C ILE A 367 -22.15 -16.87 16.22
N ASN A 368 -22.99 -17.92 16.31
CA ASN A 368 -22.69 -19.30 15.81
C ASN A 368 -21.60 -20.03 16.61
N LEU A 369 -21.20 -19.48 17.76
CA LEU A 369 -20.23 -20.14 18.66
C LEU A 369 -21.02 -21.13 19.54
N ASP A 370 -21.44 -22.24 18.93
CA ASP A 370 -22.35 -23.23 19.56
C ASP A 370 -21.50 -24.15 20.42
N ASN A 371 -20.33 -24.58 19.92
CA ASN A 371 -19.44 -25.57 20.60
C ASN A 371 -18.01 -25.03 20.51
N PRO A 372 -17.61 -24.18 21.51
CA PRO A 372 -16.27 -23.60 21.54
C PRO A 372 -15.22 -24.71 21.43
N ASP A 373 -14.12 -24.46 20.72
CA ASP A 373 -13.09 -25.49 20.47
C ASP A 373 -12.18 -25.66 21.70
N GLU A 374 -11.44 -26.76 21.70
CA GLU A 374 -10.43 -27.05 22.74
C GLU A 374 -9.65 -25.75 22.98
N GLY A 375 -9.68 -25.28 24.22
CA GLY A 375 -8.84 -24.19 24.75
C GLY A 375 -9.46 -22.82 24.52
N CYS A 376 -10.56 -22.74 23.78
CA CYS A 376 -11.30 -21.46 23.51
C CYS A 376 -12.24 -21.18 24.69
N ASP A 377 -11.67 -20.91 25.86
CA ASP A 377 -12.44 -20.91 27.14
C ASP A 377 -12.42 -19.49 27.74
N LEU A 378 -12.19 -18.45 26.93
CA LEU A 378 -12.30 -17.04 27.37
C LEU A 378 -13.75 -16.56 27.24
N ASP A 379 -14.04 -15.35 27.72
CA ASP A 379 -15.36 -14.72 27.47
C ASP A 379 -15.38 -14.31 25.99
N LEU A 380 -15.99 -15.13 25.13
CA LEU A 380 -16.03 -14.81 23.69
C LEU A 380 -17.38 -14.21 23.30
N VAL A 381 -18.22 -13.83 24.25
CA VAL A 381 -19.52 -13.12 24.00
C VAL A 381 -20.35 -13.96 23.01
N ALA A 382 -20.46 -15.27 23.26
CA ALA A 382 -21.27 -16.24 22.47
C ALA A 382 -22.72 -15.74 22.33
N HIS A 383 -23.23 -15.70 21.10
CA HIS A 383 -24.67 -15.63 20.78
C HIS A 383 -25.20 -14.21 20.91
N GLU A 384 -24.91 -13.48 21.99
CA GLU A 384 -25.67 -12.26 22.40
C GLU A 384 -24.74 -11.15 22.85
N ALA A 385 -25.04 -9.91 22.45
CA ALA A 385 -24.28 -8.71 22.80
C ALA A 385 -24.24 -8.64 24.33
N LYS A 386 -23.15 -8.12 24.88
CA LYS A 386 -22.98 -8.07 26.35
C LYS A 386 -22.73 -6.64 26.79
N PRO A 387 -23.73 -5.95 27.37
CA PRO A 387 -23.51 -4.63 27.97
C PRO A 387 -22.47 -4.79 29.08
N ARG A 388 -21.48 -3.90 29.15
CA ARG A 388 -20.36 -4.05 30.11
C ARG A 388 -19.51 -2.79 30.06
N LYS A 389 -18.71 -2.63 31.11
CA LYS A 389 -17.78 -1.50 31.18
C LYS A 389 -16.69 -1.71 30.12
N ILE A 390 -16.48 -0.70 29.30
CA ILE A 390 -15.37 -0.70 28.32
C ILE A 390 -14.72 0.68 28.35
N ASP A 391 -13.58 0.78 29.02
CA ASP A 391 -12.74 1.99 28.96
C ASP A 391 -11.75 1.87 27.80
N VAL A 392 -11.21 0.66 27.56
CA VAL A 392 -10.13 0.39 26.57
C VAL A 392 -10.55 -0.78 25.67
N ALA A 393 -10.46 -0.55 24.35
CA ALA A 393 -10.79 -1.56 23.32
C ALA A 393 -9.59 -1.72 22.40
N LEU A 394 -9.30 -2.97 22.06
N LEU A 394 -9.21 -2.99 22.14
CA LEU A 394 -8.20 -3.38 21.14
CA LEU A 394 -8.21 -3.37 21.11
C LEU A 394 -8.86 -3.99 19.88
C LEU A 394 -8.93 -3.87 19.86
N SER A 395 -8.34 -3.67 18.69
CA SER A 395 -8.75 -4.31 17.42
C SER A 395 -7.53 -5.01 16.81
N ASN A 396 -7.61 -6.34 16.63
CA ASN A 396 -6.53 -7.14 15.98
C ASN A 396 -6.85 -7.52 14.52
N SER A 397 -5.84 -7.39 13.67
CA SER A 397 -5.77 -7.96 12.32
C SER A 397 -4.45 -8.73 12.19
N PHE A 398 -4.50 -9.84 11.45
N PHE A 398 -4.45 -9.80 11.40
CA PHE A 398 -3.36 -10.65 10.97
CA PHE A 398 -3.25 -10.59 11.01
C PHE A 398 -3.56 -10.81 9.48
C PHE A 398 -3.44 -11.16 9.59
N GLY A 399 -2.47 -10.89 8.71
CA GLY A 399 -2.57 -11.10 7.25
C GLY A 399 -1.55 -12.08 6.74
N PHE A 400 -1.73 -12.52 5.48
CA PHE A 400 -0.69 -13.21 4.68
C PHE A 400 0.62 -12.42 4.77
N GLY A 401 1.74 -13.15 4.79
CA GLY A 401 3.08 -12.58 4.93
C GLY A 401 3.47 -12.42 6.38
N GLY A 402 2.66 -12.93 7.30
CA GLY A 402 2.94 -12.82 8.75
C GLY A 402 2.81 -11.40 9.25
N THR A 403 1.98 -10.60 8.59
N THR A 403 2.05 -10.60 8.51
CA THR A 403 1.82 -9.15 8.86
CA THR A 403 1.69 -9.20 8.83
C THR A 403 0.71 -8.89 9.88
C THR A 403 0.81 -9.21 10.07
N ASN A 404 1.07 -8.30 11.02
CA ASN A 404 0.19 -8.11 12.20
C ASN A 404 -0.05 -6.61 12.48
N GLY A 405 -1.25 -6.28 12.95
CA GLY A 405 -1.59 -4.93 13.41
C GLY A 405 -2.53 -4.95 14.59
N THR A 406 -2.31 -4.02 15.52
CA THR A 406 -3.16 -3.79 16.71
C THR A 406 -3.45 -2.29 16.82
N LEU A 407 -4.71 -1.96 17.02
CA LEU A 407 -5.17 -0.59 17.36
C LEU A 407 -5.70 -0.59 18.79
N VAL A 408 -5.36 0.44 19.57
CA VAL A 408 -5.89 0.62 20.94
C VAL A 408 -6.66 1.95 20.99
N PHE A 409 -7.92 1.85 21.36
CA PHE A 409 -8.84 2.97 21.56
C PHE A 409 -9.21 3.03 23.04
N ARG A 410 -9.44 4.23 23.55
CA ARG A 410 -10.07 4.39 24.88
C ARG A 410 -11.08 5.55 24.82
N ARG A 411 -12.06 5.50 25.71
CA ARG A 411 -13.03 6.59 25.97
C ARG A 411 -12.27 7.90 26.17
N PHE A 412 -12.75 9.00 25.60
CA PHE A 412 -12.16 10.35 25.81
C PHE A 412 -13.15 11.25 26.55
N ALA A 413 -12.77 11.80 27.72
CA ALA A 413 -13.53 12.80 28.53
C ALA A 413 -13.29 14.22 28.01
N SER B 2 12.36 15.31 19.10
CA SER B 2 13.47 15.24 18.10
C SER B 2 13.56 13.82 17.49
N ARG B 3 14.65 13.50 16.78
CA ARG B 3 14.56 12.59 15.60
C ARG B 3 15.90 11.93 15.27
N ARG B 4 15.91 10.62 15.02
CA ARG B 4 17.18 9.91 14.73
C ARG B 4 17.56 10.09 13.25
N ARG B 5 18.85 10.09 12.95
CA ARG B 5 19.33 10.22 11.57
C ARG B 5 19.32 8.85 10.88
N VAL B 6 19.09 8.84 9.55
CA VAL B 6 18.90 7.61 8.72
C VAL B 6 19.92 7.62 7.58
N VAL B 7 20.69 6.55 7.45
CA VAL B 7 21.68 6.45 6.35
C VAL B 7 21.35 5.22 5.51
N ILE B 8 21.88 5.22 4.29
CA ILE B 8 21.80 4.12 3.31
C ILE B 8 23.08 3.27 3.38
N THR B 9 22.93 2.01 3.78
CA THR B 9 24.08 1.09 3.97
C THR B 9 24.03 -0.09 2.97
N GLY B 10 22.94 -0.24 2.20
CA GLY B 10 22.78 -1.34 1.24
C GLY B 10 21.85 -0.95 0.11
N MET B 11 22.21 -1.34 -1.11
CA MET B 11 21.39 -1.06 -2.30
C MET B 11 21.35 -2.31 -3.17
N GLY B 12 20.20 -2.52 -3.82
CA GLY B 12 19.91 -3.69 -4.65
C GLY B 12 19.01 -3.31 -5.81
N MET B 13 19.11 -4.00 -6.95
CA MET B 13 18.39 -3.52 -8.15
C MET B 13 18.33 -4.59 -9.24
N LEU B 14 17.15 -4.72 -9.85
CA LEU B 14 16.94 -5.23 -11.24
C LEU B 14 16.43 -4.08 -12.11
N SER B 15 17.06 -3.85 -13.25
CA SER B 15 16.62 -2.79 -14.18
C SER B 15 16.82 -3.31 -15.61
N PRO B 16 16.24 -2.57 -16.57
CA PRO B 16 16.49 -2.79 -17.98
C PRO B 16 17.95 -2.58 -18.38
N LEU B 17 18.75 -1.95 -17.49
CA LEU B 17 20.18 -1.68 -17.75
C LEU B 17 21.07 -2.79 -17.16
N GLY B 18 20.57 -3.60 -16.24
CA GLY B 18 21.40 -4.66 -15.64
C GLY B 18 20.74 -5.36 -14.48
N LEU B 19 21.39 -6.42 -14.00
CA LEU B 19 20.88 -7.35 -12.97
C LEU B 19 21.38 -6.93 -11.58
N ASP B 20 22.03 -5.76 -11.45
CA ASP B 20 22.52 -5.32 -10.11
C ASP B 20 22.78 -3.82 -10.18
N VAL B 21 23.15 -3.22 -9.06
CA VAL B 21 23.35 -1.75 -9.02
C VAL B 21 24.54 -1.38 -9.91
N PRO B 22 25.74 -1.98 -9.76
CA PRO B 22 26.89 -1.49 -10.51
C PRO B 22 26.70 -1.63 -12.02
N SER B 23 26.17 -2.73 -12.54
CA SER B 23 25.89 -2.83 -14.01
C SER B 23 24.88 -1.75 -14.42
N SER B 24 23.76 -1.62 -13.73
CA SER B 24 22.75 -0.57 -13.99
C SER B 24 23.44 0.80 -14.07
N TRP B 25 24.17 1.17 -13.01
CA TRP B 25 24.84 2.49 -12.87
C TRP B 25 25.81 2.75 -14.02
N GLU B 26 26.58 1.74 -14.39
CA GLU B 26 27.43 1.75 -15.59
C GLU B 26 26.63 2.20 -16.80
N GLY B 27 25.47 1.58 -17.09
CA GLY B 27 24.62 1.93 -18.23
C GLY B 27 24.19 3.38 -18.13
N ILE B 28 23.76 3.81 -16.95
CA ILE B 28 23.28 5.20 -16.69
C ILE B 28 24.36 6.19 -17.12
N LEU B 29 25.58 6.05 -16.59
CA LEU B 29 26.65 7.06 -16.81
C LEU B 29 27.12 6.99 -18.27
N ALA B 30 26.97 5.84 -18.91
CA ALA B 30 27.28 5.66 -20.37
C ALA B 30 26.12 6.10 -21.27
N GLY B 31 24.96 6.50 -20.74
CA GLY B 31 23.83 6.92 -21.58
C GLY B 31 23.25 5.78 -22.40
N ARG B 32 23.41 4.55 -21.94
CA ARG B 32 22.86 3.35 -22.64
C ARG B 32 21.35 3.28 -22.38
N SER B 33 20.55 2.88 -23.37
CA SER B 33 19.10 2.58 -23.27
C SER B 33 18.90 1.09 -22.96
N GLY B 34 17.93 0.79 -22.12
CA GLY B 34 17.53 -0.60 -21.81
C GLY B 34 16.26 -0.95 -22.53
N ILE B 35 15.84 -0.12 -23.51
CA ILE B 35 14.51 -0.22 -24.18
C ILE B 35 14.66 -1.00 -25.49
N ALA B 36 13.71 -1.92 -25.74
CA ALA B 36 13.79 -2.84 -26.89
C ALA B 36 12.43 -3.47 -27.14
N PRO B 37 12.20 -4.00 -28.36
CA PRO B 37 11.00 -4.76 -28.65
C PRO B 37 10.89 -5.82 -27.55
N ILE B 38 9.69 -6.04 -27.04
CA ILE B 38 9.43 -7.06 -25.98
C ILE B 38 9.40 -8.44 -26.63
N GLU B 39 10.02 -9.44 -26.03
CA GLU B 39 10.14 -10.76 -26.70
C GLU B 39 9.23 -11.79 -26.03
N HIS B 40 9.07 -12.93 -26.71
CA HIS B 40 8.40 -14.14 -26.18
C HIS B 40 6.94 -13.79 -25.87
N MET B 41 6.26 -13.12 -26.81
CA MET B 41 4.96 -12.44 -26.59
C MET B 41 4.45 -11.81 -27.90
N ASP B 42 3.22 -12.12 -28.31
CA ASP B 42 2.60 -11.60 -29.57
C ASP B 42 1.96 -10.21 -29.32
N LEU B 43 2.66 -9.14 -29.68
CA LEU B 43 2.16 -7.76 -29.46
C LEU B 43 1.60 -7.18 -30.79
N SER B 44 1.22 -8.04 -31.73
CA SER B 44 0.79 -7.63 -33.10
C SER B 44 -0.36 -6.63 -33.04
N ALA B 45 -1.31 -6.80 -32.11
CA ALA B 45 -2.55 -6.00 -32.05
C ALA B 45 -2.36 -4.73 -31.20
N TYR B 46 -1.15 -4.52 -30.66
CA TYR B 46 -0.82 -3.48 -29.64
C TYR B 46 -0.19 -2.30 -30.37
N SER B 47 -0.44 -1.07 -29.93
CA SER B 47 0.12 0.15 -30.59
C SER B 47 1.53 0.47 -30.03
N THR B 48 1.90 -0.18 -28.92
CA THR B 48 3.28 -0.17 -28.36
C THR B 48 3.78 -1.62 -28.27
N ARG B 49 4.97 -1.88 -28.79
CA ARG B 49 5.57 -3.24 -28.87
C ARG B 49 6.96 -3.32 -28.22
N PHE B 50 7.34 -2.27 -27.47
CA PHE B 50 8.68 -2.15 -26.87
C PHE B 50 8.52 -1.65 -25.42
N GLY B 51 9.62 -1.72 -24.68
CA GLY B 51 9.73 -1.33 -23.26
C GLY B 51 11.06 -1.77 -22.66
N GLY B 52 11.24 -1.53 -21.36
CA GLY B 52 12.38 -1.98 -20.56
C GLY B 52 12.07 -3.30 -19.88
N SER B 53 12.60 -4.39 -20.41
CA SER B 53 12.45 -5.75 -19.82
C SER B 53 13.68 -6.01 -18.97
N VAL B 54 13.55 -6.78 -17.90
CA VAL B 54 14.75 -7.32 -17.18
C VAL B 54 15.29 -8.50 -18.00
N LYS B 55 16.52 -8.41 -18.48
CA LYS B 55 17.12 -9.39 -19.42
C LYS B 55 18.06 -10.34 -18.65
N GLY B 56 17.80 -11.64 -18.72
CA GLY B 56 18.72 -12.69 -18.23
C GLY B 56 18.53 -12.98 -16.75
N PHE B 57 17.38 -12.64 -16.16
CA PHE B 57 17.15 -12.75 -14.70
C PHE B 57 17.07 -14.24 -14.36
N ASN B 58 17.85 -14.64 -13.39
CA ASN B 58 17.90 -16.02 -12.91
C ASN B 58 17.41 -15.99 -11.45
N VAL B 59 16.12 -16.32 -11.24
CA VAL B 59 15.49 -16.34 -9.91
C VAL B 59 16.15 -17.42 -9.03
N GLU B 60 16.70 -18.51 -9.60
CA GLU B 60 17.33 -19.59 -8.78
C GLU B 60 18.64 -19.14 -8.08
N GLU B 61 19.20 -17.97 -8.41
CA GLU B 61 20.26 -17.33 -7.58
C GLU B 61 19.70 -16.94 -6.21
N TYR B 62 18.38 -16.83 -6.08
CA TYR B 62 17.71 -16.27 -4.88
C TYR B 62 16.80 -17.30 -4.24
N LEU B 63 15.97 -17.98 -5.03
CA LEU B 63 14.97 -18.96 -4.56
C LEU B 63 15.15 -20.29 -5.29
N SER B 64 14.71 -21.38 -4.65
CA SER B 64 14.51 -22.68 -5.34
C SER B 64 13.43 -22.49 -6.43
N ALA B 65 13.46 -23.32 -7.49
CA ALA B 65 12.43 -23.35 -8.54
C ALA B 65 11.03 -23.50 -7.90
N LYS B 66 10.93 -24.30 -6.86
CA LYS B 66 9.59 -24.56 -6.28
C LYS B 66 9.01 -23.28 -5.66
N GLU B 67 9.78 -22.54 -4.86
N GLU B 67 9.80 -22.60 -4.82
CA GLU B 67 9.29 -21.29 -4.21
CA GLU B 67 9.52 -21.28 -4.19
C GLU B 67 9.07 -20.20 -5.27
C GLU B 67 9.08 -20.28 -5.28
N ALA B 68 9.92 -20.11 -6.30
CA ALA B 68 9.78 -19.11 -7.38
C ALA B 68 8.50 -19.32 -8.20
N ARG B 69 8.09 -20.58 -8.37
CA ARG B 69 6.88 -20.94 -9.15
C ARG B 69 5.64 -20.39 -8.46
N LYS B 70 5.71 -20.13 -7.17
CA LYS B 70 4.54 -19.66 -6.37
C LYS B 70 4.34 -18.14 -6.49
N LEU B 71 5.32 -17.41 -7.04
CA LEU B 71 5.37 -15.94 -6.92
C LEU B 71 5.37 -15.28 -8.30
N ASP B 72 4.54 -14.25 -8.45
CA ASP B 72 4.55 -13.34 -9.61
C ASP B 72 5.98 -12.83 -9.83
N LEU B 73 6.35 -12.62 -11.10
CA LEU B 73 7.62 -11.94 -11.44
C LEU B 73 7.80 -10.69 -10.55
N PHE B 74 6.77 -9.85 -10.30
CA PHE B 74 7.03 -8.57 -9.57
C PHE B 74 7.59 -8.91 -8.17
N ILE B 75 7.17 -10.02 -7.59
CA ILE B 75 7.65 -10.46 -6.24
C ILE B 75 9.08 -11.00 -6.33
N GLN B 76 9.36 -11.77 -7.37
CA GLN B 76 10.73 -12.31 -7.62
C GLN B 76 11.69 -11.13 -7.71
N TYR B 77 11.30 -10.10 -8.47
CA TYR B 77 12.14 -8.90 -8.72
C TYR B 77 12.41 -8.15 -7.40
N GLY B 78 11.39 -8.06 -6.54
CA GLY B 78 11.46 -7.35 -5.27
C GLY B 78 12.40 -8.07 -4.33
N LEU B 79 12.28 -9.39 -4.29
CA LEU B 79 13.12 -10.26 -3.46
C LEU B 79 14.55 -10.17 -3.95
N ALA B 80 14.78 -10.25 -5.25
CA ALA B 80 16.17 -10.14 -5.79
C ALA B 80 16.82 -8.85 -5.25
N ALA B 81 16.19 -7.69 -5.46
CA ALA B 81 16.70 -6.37 -5.03
C ALA B 81 16.88 -6.35 -3.50
N SER B 82 15.88 -6.82 -2.75
CA SER B 82 15.90 -6.89 -1.28
C SER B 82 17.09 -7.75 -0.79
N PHE B 83 17.27 -8.94 -1.37
CA PHE B 83 18.39 -9.86 -1.00
C PHE B 83 19.72 -9.19 -1.38
N GLN B 84 19.81 -8.55 -2.55
CA GLN B 84 21.05 -7.83 -2.93
C GLN B 84 21.33 -6.73 -1.90
N ALA B 85 20.29 -6.02 -1.44
CA ALA B 85 20.44 -4.82 -0.60
C ALA B 85 20.95 -5.22 0.79
N VAL B 86 20.34 -6.25 1.37
CA VAL B 86 20.73 -6.80 2.69
C VAL B 86 22.18 -7.31 2.63
N ARG B 87 22.52 -8.11 1.61
CA ARG B 87 23.90 -8.64 1.39
C ARG B 87 24.82 -7.43 1.24
N ASP B 88 24.49 -6.43 0.43
CA ASP B 88 25.34 -5.24 0.21
C ASP B 88 25.59 -4.54 1.57
N SER B 89 24.63 -4.59 2.50
CA SER B 89 24.73 -3.81 3.77
C SER B 89 25.67 -4.47 4.79
N GLY B 90 25.87 -5.79 4.68
CA GLY B 90 26.68 -6.59 5.60
C GLY B 90 25.93 -6.89 6.88
N LEU B 91 24.66 -6.47 7.00
CA LEU B 91 23.89 -6.58 8.26
C LEU B 91 23.78 -8.05 8.66
N GLU B 92 23.99 -8.36 9.93
CA GLU B 92 23.66 -9.69 10.52
C GLU B 92 22.37 -9.58 11.35
N VAL B 93 21.35 -10.32 10.95
CA VAL B 93 20.10 -10.47 11.74
C VAL B 93 20.39 -11.46 12.90
N THR B 94 19.92 -11.13 14.10
CA THR B 94 20.15 -11.90 15.35
C THR B 94 18.87 -11.86 16.18
N ASP B 95 18.77 -12.78 17.13
CA ASP B 95 17.68 -12.76 18.13
C ASP B 95 17.65 -11.38 18.78
N ALA B 96 18.78 -10.69 18.91
CA ALA B 96 18.89 -9.42 19.67
C ALA B 96 18.38 -8.27 18.82
N ASN B 97 18.36 -8.38 17.48
CA ASN B 97 17.98 -7.22 16.65
C ASN B 97 16.82 -7.56 15.71
N ARG B 98 16.35 -8.80 15.62
CA ARG B 98 15.33 -9.16 14.59
C ARG B 98 14.04 -8.33 14.73
N GLU B 99 13.62 -7.97 15.94
CA GLU B 99 12.37 -7.17 16.14
C GLU B 99 12.59 -5.71 15.74
N ARG B 100 13.81 -5.31 15.38
CA ARG B 100 14.14 -3.91 15.05
C ARG B 100 14.37 -3.81 13.54
N ILE B 101 14.09 -4.89 12.80
CA ILE B 101 14.36 -4.92 11.33
C ILE B 101 13.05 -5.27 10.65
N GLY B 102 12.61 -4.37 9.78
CA GLY B 102 11.29 -4.43 9.15
C GLY B 102 11.47 -4.23 7.68
N VAL B 103 10.35 -4.25 6.95
N VAL B 103 10.36 -4.16 6.95
CA VAL B 103 10.33 -4.18 5.46
CA VAL B 103 10.40 -4.14 5.46
C VAL B 103 9.15 -3.32 4.99
C VAL B 103 9.16 -3.44 4.89
N SER B 104 9.37 -2.55 3.92
CA SER B 104 8.29 -1.85 3.19
C SER B 104 8.70 -1.85 1.72
N MET B 105 8.43 -2.95 1.03
CA MET B 105 8.59 -3.05 -0.43
C MET B 105 7.19 -3.01 -1.03
N GLY B 106 7.01 -2.08 -1.97
CA GLY B 106 5.72 -1.85 -2.62
C GLY B 106 5.70 -2.21 -4.08
N SER B 107 4.51 -2.11 -4.63
CA SER B 107 4.28 -2.18 -6.09
C SER B 107 3.10 -1.23 -6.42
N GLY B 108 3.20 -0.51 -7.53
CA GLY B 108 2.09 0.30 -8.06
C GLY B 108 0.99 -0.58 -8.65
N ILE B 109 1.40 -1.62 -9.39
CA ILE B 109 0.48 -2.37 -10.30
C ILE B 109 0.43 -3.85 -9.94
N GLY B 110 1.47 -4.41 -9.35
CA GLY B 110 1.41 -5.78 -8.80
C GLY B 110 1.37 -6.82 -9.91
N GLY B 111 0.56 -7.85 -9.73
CA GLY B 111 0.71 -9.19 -10.35
C GLY B 111 -0.13 -9.40 -11.61
N LEU B 112 0.09 -8.59 -12.65
CA LEU B 112 -0.67 -8.69 -13.93
C LEU B 112 -0.36 -9.98 -14.66
N THR B 113 0.91 -10.40 -14.71
CA THR B 113 1.34 -11.68 -15.34
C THR B 113 0.58 -12.86 -14.70
N ASN B 114 0.55 -12.92 -13.37
N ASN B 114 0.56 -12.92 -13.37
CA ASN B 114 -0.18 -13.98 -12.61
CA ASN B 114 -0.20 -13.92 -12.57
C ASN B 114 -1.70 -13.82 -12.84
C ASN B 114 -1.70 -13.81 -12.89
N ILE B 115 -2.22 -12.59 -12.89
CA ILE B 115 -3.67 -12.34 -13.17
C ILE B 115 -4.04 -12.83 -14.57
N GLU B 116 -3.21 -12.56 -15.57
CA GLU B 116 -3.38 -12.99 -16.98
C GLU B 116 -3.38 -14.50 -17.10
N ASN B 117 -2.39 -15.19 -16.53
CA ASN B 117 -2.28 -16.66 -16.61
C ASN B 117 -3.49 -17.28 -15.89
N ASN B 118 -3.85 -16.76 -14.72
CA ASN B 118 -4.98 -17.33 -13.93
C ASN B 118 -6.33 -17.03 -14.61
N CYS B 119 -6.50 -15.87 -15.27
CA CYS B 119 -7.67 -15.56 -16.13
C CYS B 119 -7.74 -16.53 -17.28
N ARG B 120 -6.62 -16.71 -18.01
CA ARG B 120 -6.50 -17.66 -19.14
C ARG B 120 -7.12 -19.00 -18.71
N SER B 121 -6.66 -19.56 -17.58
CA SER B 121 -7.21 -20.81 -17.01
C SER B 121 -8.70 -20.64 -16.69
N LEU B 122 -9.10 -19.55 -16.04
CA LEU B 122 -10.51 -19.37 -15.56
C LEU B 122 -11.49 -19.45 -16.74
N PHE B 123 -11.17 -18.75 -17.83
CA PHE B 123 -12.03 -18.52 -19.02
C PHE B 123 -12.01 -19.75 -19.92
N GLU B 124 -10.86 -20.39 -20.08
CA GLU B 124 -10.65 -21.56 -20.95
C GLU B 124 -11.18 -22.86 -20.33
N GLN B 125 -10.91 -23.08 -19.04
N GLN B 125 -10.92 -23.11 -19.04
CA GLN B 125 -11.12 -24.39 -18.35
CA GLN B 125 -11.27 -24.42 -18.41
C GLN B 125 -12.12 -24.27 -17.19
C GLN B 125 -11.80 -24.26 -16.98
N GLY B 126 -12.31 -23.08 -16.61
CA GLY B 126 -13.13 -22.90 -15.39
C GLY B 126 -12.32 -22.69 -14.11
N PRO B 127 -12.96 -22.29 -13.00
CA PRO B 127 -12.22 -21.91 -11.80
C PRO B 127 -11.30 -22.98 -11.17
N ARG B 128 -11.44 -24.24 -11.56
CA ARG B 128 -10.76 -25.39 -10.90
C ARG B 128 -9.31 -25.42 -11.38
N ARG B 129 -8.95 -24.66 -12.40
CA ARG B 129 -7.55 -24.54 -12.86
C ARG B 129 -6.89 -23.27 -12.30
N ILE B 130 -7.53 -22.50 -11.42
CA ILE B 130 -6.88 -21.35 -10.73
C ILE B 130 -5.85 -21.94 -9.75
N SER B 131 -4.62 -21.43 -9.81
CA SER B 131 -3.53 -21.86 -8.91
C SER B 131 -3.96 -21.63 -7.47
N PRO B 132 -3.69 -22.61 -6.57
CA PRO B 132 -3.87 -22.42 -5.14
C PRO B 132 -3.01 -21.25 -4.61
N PHE B 133 -1.91 -20.93 -5.29
CA PHE B 133 -0.99 -19.86 -4.82
C PHE B 133 -1.38 -18.52 -5.46
N PHE B 134 -2.48 -18.48 -6.20
CA PHE B 134 -2.88 -17.29 -6.98
C PHE B 134 -2.85 -16.04 -6.08
N VAL B 135 -3.47 -16.12 -4.92
CA VAL B 135 -3.68 -14.96 -4.01
C VAL B 135 -2.38 -14.60 -3.29
N PRO B 136 -1.77 -15.51 -2.48
CA PRO B 136 -0.56 -15.17 -1.76
C PRO B 136 0.64 -14.98 -2.70
N GLY B 137 0.58 -15.60 -3.89
CA GLY B 137 1.59 -15.44 -4.94
C GLY B 137 1.42 -14.14 -5.73
N SER B 138 0.37 -13.35 -5.50
CA SER B 138 0.11 -12.15 -6.35
C SER B 138 0.01 -10.86 -5.51
N ILE B 139 -0.33 -10.95 -4.23
CA ILE B 139 -0.66 -9.77 -3.38
C ILE B 139 0.63 -8.99 -3.12
N ILE B 140 0.50 -7.68 -3.16
CA ILE B 140 1.63 -6.72 -3.27
C ILE B 140 2.51 -6.82 -2.03
N ASN B 141 1.97 -7.24 -0.90
CA ASN B 141 2.71 -7.24 0.40
C ASN B 141 3.55 -8.51 0.54
N MET B 142 3.58 -9.40 -0.47
CA MET B 142 4.32 -10.67 -0.36
C MET B 142 5.83 -10.47 -0.55
N VAL B 143 6.30 -9.34 -1.10
CA VAL B 143 7.76 -9.05 -1.12
C VAL B 143 8.20 -8.82 0.34
N SER B 144 7.54 -7.92 1.06
CA SER B 144 7.78 -7.71 2.52
C SER B 144 7.54 -9.03 3.27
N GLY B 145 6.43 -9.72 3.00
CA GLY B 145 6.12 -10.97 3.70
C GLY B 145 7.18 -12.02 3.46
N PHE B 146 7.57 -12.30 2.21
CA PHE B 146 8.50 -13.42 1.92
C PHE B 146 9.89 -13.04 2.44
N LEU B 147 10.25 -11.75 2.34
CA LEU B 147 11.59 -11.30 2.78
C LEU B 147 11.66 -11.52 4.29
N SER B 148 10.66 -11.05 5.02
N SER B 148 10.66 -11.03 5.02
CA SER B 148 10.59 -11.14 6.51
CA SER B 148 10.50 -11.13 6.49
C SER B 148 10.67 -12.61 6.93
C SER B 148 10.66 -12.60 6.92
N ILE B 149 10.03 -13.53 6.20
CA ILE B 149 10.04 -14.98 6.53
C ILE B 149 11.42 -15.55 6.23
N HIS B 150 11.99 -15.27 5.07
CA HIS B 150 13.30 -15.82 4.69
C HIS B 150 14.39 -15.35 5.68
N LEU B 151 14.35 -14.09 6.15
CA LEU B 151 15.48 -13.53 6.92
C LEU B 151 15.13 -13.48 8.42
N GLY B 152 13.90 -13.77 8.81
CA GLY B 152 13.45 -13.65 10.21
C GLY B 152 13.32 -12.19 10.65
N LEU B 153 12.78 -11.31 9.81
CA LEU B 153 12.56 -9.89 10.17
C LEU B 153 11.21 -9.75 10.88
N GLN B 154 11.22 -9.14 12.07
CA GLN B 154 10.03 -9.08 12.98
C GLN B 154 9.65 -7.63 13.27
N GLY B 155 10.37 -6.68 12.66
CA GLY B 155 10.03 -5.25 12.73
C GLY B 155 8.81 -4.91 11.88
N PRO B 156 8.47 -3.62 11.72
CA PRO B 156 7.34 -3.20 10.89
C PRO B 156 7.36 -3.90 9.53
N ASN B 157 6.24 -4.54 9.18
N ASN B 157 6.23 -4.51 9.17
CA ASN B 157 6.08 -5.31 7.92
CA ASN B 157 6.07 -5.32 7.94
C ASN B 157 4.86 -4.78 7.16
C ASN B 157 4.85 -4.81 7.15
N TYR B 158 5.10 -4.05 6.07
CA TYR B 158 4.00 -3.43 5.29
C TYR B 158 4.45 -3.22 3.85
N ALA B 159 3.51 -2.75 3.05
CA ALA B 159 3.71 -2.44 1.61
C ALA B 159 2.84 -1.22 1.29
N LEU B 160 3.41 -0.24 0.61
CA LEU B 160 2.70 0.89 -0.02
C LEU B 160 2.30 0.47 -1.45
N THR B 161 1.21 1.01 -1.97
CA THR B 161 0.90 1.04 -3.43
C THR B 161 0.34 2.45 -3.70
N THR B 162 1.18 3.33 -4.25
CA THR B 162 0.86 4.72 -4.65
C THR B 162 1.27 4.95 -6.10
N ALA B 163 0.86 4.00 -6.95
CA ALA B 163 1.11 3.98 -8.39
C ALA B 163 2.59 4.29 -8.65
N GLN B 164 2.89 5.32 -9.42
CA GLN B 164 4.25 5.66 -9.90
C GLN B 164 5.05 6.32 -8.77
N THR B 165 4.44 6.51 -7.59
CA THR B 165 5.11 7.14 -6.42
C THR B 165 5.48 6.08 -5.38
N THR B 166 5.11 4.81 -5.63
CA THR B 166 5.28 3.73 -4.63
C THR B 166 6.70 3.72 -4.06
N GLY B 167 7.72 3.56 -4.91
CA GLY B 167 9.11 3.44 -4.45
C GLY B 167 9.55 4.61 -3.56
N THR B 168 9.26 5.83 -3.96
CA THR B 168 9.62 7.08 -3.24
C THR B 168 8.94 7.08 -1.87
N HIS B 169 7.64 6.84 -1.83
CA HIS B 169 6.86 6.79 -0.58
C HIS B 169 7.40 5.68 0.34
N SER B 170 7.64 4.48 -0.21
CA SER B 170 8.08 3.30 0.59
C SER B 170 9.33 3.68 1.38
N ILE B 171 10.27 4.25 0.67
CA ILE B 171 11.60 4.62 1.20
C ILE B 171 11.42 5.71 2.27
N GLY B 172 10.60 6.71 1.97
CA GLY B 172 10.38 7.85 2.87
C GLY B 172 9.74 7.44 4.15
N MET B 173 8.69 6.62 4.09
N MET B 173 8.67 6.65 4.08
CA MET B 173 7.92 6.17 5.28
CA MET B 173 7.92 6.14 5.26
C MET B 173 8.70 5.09 6.04
C MET B 173 8.82 5.19 6.06
N ALA B 174 9.62 4.38 5.37
CA ALA B 174 10.58 3.45 6.02
C ALA B 174 11.57 4.32 6.84
N ALA B 175 11.95 5.48 6.30
CA ALA B 175 12.92 6.38 6.95
C ALA B 175 12.27 6.99 8.19
N ARG B 176 10.99 7.37 8.13
CA ARG B 176 10.23 7.85 9.30
C ARG B 176 10.15 6.77 10.40
N ASN B 177 9.89 5.51 10.01
CA ASN B 177 9.89 4.41 11.03
C ASN B 177 11.19 4.50 11.84
N ILE B 178 12.36 4.64 11.17
CA ILE B 178 13.70 4.60 11.82
C ILE B 178 13.91 5.91 12.61
N ALA B 179 13.60 7.03 11.99
CA ALA B 179 13.77 8.38 12.59
C ALA B 179 13.01 8.47 13.91
N TYR B 180 11.78 7.98 13.94
CA TYR B 180 10.90 8.05 15.14
C TYR B 180 11.01 6.79 16.00
N GLY B 181 12.01 5.93 15.77
CA GLY B 181 12.40 4.90 16.77
C GLY B 181 11.53 3.65 16.71
N GLU B 182 10.74 3.45 15.66
CA GLU B 182 9.84 2.26 15.53
C GLU B 182 10.65 1.04 15.04
N ALA B 183 11.86 1.28 14.48
CA ALA B 183 12.79 0.31 13.88
C ALA B 183 14.20 0.92 13.88
N ASP B 184 15.22 0.06 13.76
CA ASP B 184 16.64 0.45 13.57
C ASP B 184 17.08 0.28 12.13
N VAL B 185 16.46 -0.66 11.41
CA VAL B 185 16.78 -1.00 9.99
C VAL B 185 15.47 -1.25 9.26
N MET B 186 15.38 -0.82 8.00
CA MET B 186 14.26 -1.16 7.10
C MET B 186 14.82 -1.47 5.72
N VAL B 187 14.34 -2.53 5.08
CA VAL B 187 14.44 -2.75 3.59
C VAL B 187 13.22 -2.11 2.92
N ALA B 188 13.43 -1.14 2.05
CA ALA B 188 12.35 -0.35 1.43
C ALA B 188 12.65 -0.13 -0.05
N GLY B 189 11.61 0.04 -0.84
CA GLY B 189 11.72 0.19 -2.28
C GLY B 189 10.48 -0.36 -2.92
N GLY B 190 10.62 -0.81 -4.17
CA GLY B 190 9.44 -1.18 -4.98
C GLY B 190 9.86 -2.13 -6.06
N SER B 191 8.90 -2.83 -6.63
CA SER B 191 9.16 -3.75 -7.75
C SER B 191 7.94 -3.74 -8.67
N GLU B 192 8.17 -4.07 -9.93
CA GLU B 192 7.12 -3.99 -10.95
C GLU B 192 7.46 -4.88 -12.14
N MET B 193 6.46 -5.58 -12.66
N MET B 193 6.42 -5.52 -12.67
CA MET B 193 6.52 -6.28 -13.96
CA MET B 193 6.44 -6.34 -13.91
C MET B 193 5.15 -6.09 -14.63
C MET B 193 5.11 -6.11 -14.63
N ALA B 194 5.05 -5.06 -15.46
CA ALA B 194 3.80 -4.62 -16.11
C ALA B 194 3.95 -4.63 -17.64
N ALA B 195 5.12 -5.04 -18.16
CA ALA B 195 5.41 -5.25 -19.60
C ALA B 195 4.55 -6.33 -20.28
N CYS B 196 3.61 -6.94 -19.58
CA CYS B 196 2.66 -7.94 -20.12
C CYS B 196 1.58 -7.24 -20.97
N GLY B 197 0.63 -8.02 -21.49
CA GLY B 197 -0.44 -7.52 -22.36
C GLY B 197 -1.37 -6.58 -21.63
N LEU B 198 -1.66 -6.87 -20.37
CA LEU B 198 -2.52 -6.00 -19.54
C LEU B 198 -1.86 -4.62 -19.33
N GLY B 199 -0.56 -4.58 -19.09
CA GLY B 199 0.13 -3.29 -18.87
C GLY B 199 0.25 -2.53 -20.18
N LEU B 200 0.75 -3.18 -21.24
CA LEU B 200 0.89 -2.50 -22.53
C LEU B 200 -0.51 -2.10 -23.00
N GLY B 201 -1.48 -3.00 -22.81
CA GLY B 201 -2.87 -2.82 -23.21
C GLY B 201 -3.51 -1.70 -22.44
N GLY B 202 -3.40 -1.75 -21.11
CA GLY B 202 -4.05 -0.83 -20.16
C GLY B 202 -3.58 0.59 -20.35
N PHE B 203 -2.28 0.80 -20.40
CA PHE B 203 -1.65 2.13 -20.62
C PHE B 203 -1.83 2.55 -22.08
N GLY B 204 -1.78 1.58 -22.98
CA GLY B 204 -2.06 1.77 -24.42
C GLY B 204 -3.44 2.37 -24.63
N ALA B 205 -4.47 1.87 -23.92
CA ALA B 205 -5.88 2.24 -24.10
C ALA B 205 -6.09 3.71 -23.72
N ALA B 206 -5.28 4.25 -22.80
CA ALA B 206 -5.30 5.66 -22.32
C ALA B 206 -4.42 6.53 -23.21
N ARG B 207 -3.78 5.94 -24.22
CA ARG B 207 -2.77 6.56 -25.10
C ARG B 207 -1.74 7.31 -24.26
N ALA B 208 -1.31 6.70 -23.15
CA ALA B 208 -0.26 7.20 -22.24
C ALA B 208 1.16 6.80 -22.73
N LEU B 209 1.27 5.79 -23.59
CA LEU B 209 2.57 5.19 -24.00
C LEU B 209 3.05 5.86 -25.28
N SER B 210 4.36 6.14 -25.38
CA SER B 210 5.07 6.33 -26.66
C SER B 210 4.74 5.15 -27.60
N THR B 211 4.34 5.47 -28.82
CA THR B 211 4.12 4.49 -29.90
C THR B 211 5.27 4.54 -30.91
N ARG B 212 6.47 5.01 -30.56
CA ARG B 212 7.63 5.10 -31.48
C ARG B 212 8.28 3.71 -31.65
N ASN B 213 7.57 2.77 -32.28
CA ASN B 213 8.00 1.35 -32.44
C ASN B 213 9.23 1.23 -33.33
N ASP B 214 9.49 2.19 -34.21
CA ASP B 214 10.59 2.09 -35.20
C ASP B 214 11.93 2.40 -34.51
N GLU B 215 11.93 3.16 -33.40
CA GLU B 215 13.19 3.50 -32.68
C GLU B 215 12.97 3.47 -31.17
N PRO B 216 12.90 2.24 -30.59
CA PRO B 216 12.55 2.07 -29.18
C PRO B 216 13.53 2.83 -28.28
N THR B 217 14.80 2.90 -28.66
CA THR B 217 15.81 3.53 -27.79
C THR B 217 15.58 5.04 -27.75
N ARG B 218 14.85 5.58 -28.72
CA ARG B 218 14.67 7.04 -28.81
C ARG B 218 13.29 7.39 -28.26
N ALA B 219 12.46 6.40 -27.88
CA ALA B 219 11.08 6.65 -27.45
C ALA B 219 11.08 7.57 -26.25
N SER B 220 11.90 7.29 -25.23
CA SER B 220 11.86 8.04 -23.95
C SER B 220 12.76 9.27 -24.07
N ARG B 221 12.16 10.45 -24.13
CA ARG B 221 12.83 11.71 -24.53
C ARG B 221 12.19 12.80 -23.69
N PRO B 222 12.43 12.75 -22.36
CA PRO B 222 11.85 13.73 -21.44
C PRO B 222 12.25 15.16 -21.83
N TRP B 223 11.27 16.07 -21.81
CA TRP B 223 11.38 17.52 -22.13
C TRP B 223 11.71 17.80 -23.60
N ASP B 224 11.77 16.78 -24.47
CA ASP B 224 12.04 16.92 -25.93
C ASP B 224 10.71 17.21 -26.62
N ARG B 225 10.73 18.07 -27.63
CA ARG B 225 9.45 18.54 -28.24
C ARG B 225 8.73 17.39 -28.99
N ASP B 226 9.42 16.29 -29.33
CA ASP B 226 8.85 15.13 -30.09
C ASP B 226 8.42 13.97 -29.17
N ARG B 227 8.48 14.12 -27.85
CA ARG B 227 8.01 13.09 -26.89
C ARG B 227 6.51 12.82 -27.11
N ASP B 228 6.09 11.56 -26.91
CA ASP B 228 4.69 11.13 -27.17
C ASP B 228 4.25 10.12 -26.10
N GLY B 229 4.81 10.21 -24.89
CA GLY B 229 4.34 9.43 -23.72
C GLY B 229 5.45 8.53 -23.20
N PHE B 230 5.19 7.84 -22.09
CA PHE B 230 6.19 7.10 -21.29
C PHE B 230 6.45 5.73 -21.92
N VAL B 231 7.59 5.16 -21.54
CA VAL B 231 8.02 3.79 -21.93
C VAL B 231 7.84 2.93 -20.70
N LEU B 232 7.24 1.77 -20.88
CA LEU B 232 6.85 0.90 -19.76
C LEU B 232 7.99 -0.09 -19.50
N SER B 233 8.41 -0.22 -18.24
CA SER B 233 9.66 -0.90 -17.86
C SER B 233 9.44 -1.70 -16.57
N ASP B 234 10.21 -2.79 -16.41
CA ASP B 234 10.12 -3.73 -15.28
C ASP B 234 11.35 -3.56 -14.41
N GLY B 235 11.28 -4.04 -13.19
CA GLY B 235 12.47 -4.17 -12.35
C GLY B 235 12.13 -3.87 -10.90
N SER B 236 13.16 -3.60 -10.11
CA SER B 236 13.07 -3.38 -8.66
C SER B 236 14.27 -2.59 -8.19
N GLY B 237 14.06 -1.88 -7.09
CA GLY B 237 15.11 -1.24 -6.30
C GLY B 237 14.79 -1.46 -4.84
N ALA B 238 15.82 -1.74 -4.04
CA ALA B 238 15.72 -1.86 -2.58
C ALA B 238 16.91 -1.13 -1.98
N LEU B 239 16.64 -0.46 -0.87
CA LEU B 239 17.69 0.16 -0.04
C LEU B 239 17.60 -0.43 1.35
N VAL B 240 18.75 -0.58 1.97
CA VAL B 240 18.82 -0.83 3.44
C VAL B 240 18.98 0.55 4.08
N LEU B 241 17.94 0.99 4.77
CA LEU B 241 17.92 2.20 5.63
C LEU B 241 18.36 1.79 7.04
N GLU B 242 19.14 2.63 7.70
CA GLU B 242 19.70 2.28 9.05
C GLU B 242 19.86 3.55 9.87
N GLU B 243 19.49 3.50 11.14
CA GLU B 243 19.81 4.56 12.11
C GLU B 243 21.33 4.74 12.14
N LEU B 244 21.79 5.99 12.17
CA LEU B 244 23.24 6.31 12.06
C LEU B 244 24.05 5.61 13.16
N GLU B 245 23.68 5.73 14.42
CA GLU B 245 24.50 5.10 15.51
C GLU B 245 24.56 3.57 15.32
N HIS B 246 23.49 2.94 14.90
CA HIS B 246 23.47 1.47 14.60
C HIS B 246 24.49 1.17 13.49
N ALA B 247 24.54 2.00 12.47
CA ALA B 247 25.42 1.79 11.30
C ALA B 247 26.88 1.95 11.71
N ARG B 248 27.19 2.94 12.53
CA ARG B 248 28.58 3.27 12.95
C ARG B 248 29.12 2.20 13.88
N ALA B 249 28.30 1.73 14.81
CA ALA B 249 28.65 0.68 15.80
C ALA B 249 29.11 -0.62 15.11
N ARG B 250 28.46 -1.06 14.03
CA ARG B 250 28.90 -2.30 13.33
C ARG B 250 29.93 -1.97 12.25
N GLY B 251 30.30 -0.69 12.09
CA GLY B 251 31.26 -0.26 11.06
C GLY B 251 30.71 -0.43 9.65
N ALA B 252 29.45 -0.11 9.43
CA ALA B 252 28.79 -0.16 8.11
C ALA B 252 29.44 0.83 7.11
N ARG B 253 29.44 0.47 5.83
CA ARG B 253 29.70 1.40 4.72
C ARG B 253 28.42 2.23 4.55
N ILE B 254 28.54 3.56 4.62
CA ILE B 254 27.40 4.52 4.50
C ILE B 254 27.57 5.16 3.13
N TYR B 255 26.61 4.94 2.24
CA TYR B 255 26.62 5.58 0.91
C TYR B 255 26.23 7.06 1.01
N ALA B 256 25.19 7.39 1.78
CA ALA B 256 24.62 8.75 1.87
C ALA B 256 23.62 8.76 3.04
N GLU B 257 23.17 9.96 3.41
CA GLU B 257 22.16 10.19 4.47
C GLU B 257 20.85 10.61 3.81
N LEU B 258 19.76 9.94 4.17
CA LEU B 258 18.40 10.37 3.77
C LEU B 258 17.97 11.45 4.77
N VAL B 259 18.00 12.74 4.38
CA VAL B 259 17.82 13.88 5.32
C VAL B 259 16.38 14.40 5.30
N GLY B 260 15.62 14.11 4.24
CA GLY B 260 14.30 14.73 3.99
C GLY B 260 13.32 13.85 3.20
N PHE B 261 12.06 13.95 3.58
CA PHE B 261 10.94 13.29 2.86
C PHE B 261 9.74 14.24 2.84
N GLY B 262 9.24 14.44 1.63
CA GLY B 262 8.04 15.21 1.32
C GLY B 262 6.99 14.35 0.59
N MET B 263 5.74 14.57 1.00
CA MET B 263 4.51 14.03 0.40
C MET B 263 3.59 15.23 0.16
N SER B 264 2.71 15.10 -0.82
CA SER B 264 1.63 16.08 -1.11
C SER B 264 0.65 15.39 -2.07
N GLY B 265 -0.57 15.90 -2.10
CA GLY B 265 -1.53 15.56 -3.15
C GLY B 265 -1.84 16.78 -3.97
N ASP B 266 -1.83 16.65 -5.30
CA ASP B 266 -2.33 17.66 -6.26
C ASP B 266 -3.80 18.01 -5.94
N ALA B 267 -4.65 17.03 -5.61
CA ALA B 267 -6.13 17.16 -5.57
C ALA B 267 -6.64 17.84 -6.85
N PHE B 268 -6.11 17.40 -7.99
CA PHE B 268 -6.31 18.04 -9.30
C PHE B 268 -7.05 17.06 -10.24
N HIS B 269 -6.36 16.09 -10.83
CA HIS B 269 -6.91 15.20 -11.88
C HIS B 269 -6.41 13.78 -11.63
N MET B 270 -7.05 12.78 -12.24
CA MET B 270 -6.81 11.33 -11.96
C MET B 270 -5.47 10.89 -12.55
N THR B 271 -5.05 11.50 -13.66
CA THR B 271 -3.82 11.09 -14.40
C THR B 271 -2.94 12.29 -14.80
N ALA B 272 -3.52 13.49 -14.97
CA ALA B 272 -2.84 14.71 -15.46
C ALA B 272 -2.38 15.58 -14.28
N PRO B 273 -1.13 16.09 -14.27
CA PRO B 273 -0.71 17.02 -13.22
C PRO B 273 -1.25 18.40 -13.54
N PRO B 274 -1.36 19.31 -12.56
CA PRO B 274 -1.63 20.70 -12.88
C PRO B 274 -0.46 21.27 -13.70
N GLU B 275 -0.77 22.03 -14.74
CA GLU B 275 0.20 22.66 -15.67
C GLU B 275 1.34 23.35 -14.89
N ASP B 276 1.04 24.04 -13.78
CA ASP B 276 2.08 24.78 -13.01
C ASP B 276 2.82 23.85 -12.03
N GLY B 277 2.40 22.60 -11.84
CA GLY B 277 3.11 21.66 -10.96
C GLY B 277 3.06 22.08 -9.50
N ALA B 278 1.98 22.77 -9.10
CA ALA B 278 1.77 23.31 -7.75
C ALA B 278 1.95 22.21 -6.70
N GLY B 279 1.46 21.00 -6.98
CA GLY B 279 1.60 19.83 -6.10
C GLY B 279 3.05 19.40 -5.93
N ALA B 280 3.76 19.25 -7.03
CA ALA B 280 5.19 18.88 -7.02
C ALA B 280 5.97 19.97 -6.28
N ALA B 281 5.64 21.25 -6.48
CA ALA B 281 6.31 22.36 -5.79
C ALA B 281 6.12 22.23 -4.27
N ARG B 282 4.89 22.05 -3.80
CA ARG B 282 4.56 21.89 -2.36
C ARG B 282 5.30 20.71 -1.76
N CYS B 283 5.31 19.60 -2.49
CA CYS B 283 5.99 18.34 -2.10
C CYS B 283 7.48 18.59 -1.94
N MET B 284 8.15 19.17 -2.94
CA MET B 284 9.60 19.49 -2.84
C MET B 284 9.88 20.44 -1.67
N LYS B 285 9.10 21.50 -1.51
CA LYS B 285 9.21 22.46 -0.37
C LYS B 285 9.02 21.68 0.94
N ASN B 286 8.00 20.85 1.05
CA ASN B 286 7.84 19.97 2.24
C ASN B 286 9.13 19.16 2.49
N ALA B 287 9.73 18.56 1.47
CA ALA B 287 10.95 17.72 1.66
C ALA B 287 12.14 18.57 2.17
N LEU B 288 12.32 19.78 1.63
CA LEU B 288 13.45 20.67 2.00
C LEU B 288 13.27 21.16 3.44
N ARG B 289 12.05 21.62 3.78
CA ARG B 289 11.68 21.99 5.17
C ARG B 289 11.98 20.79 6.08
N ASP B 290 11.54 19.59 5.70
CA ASP B 290 11.81 18.35 6.46
C ASP B 290 13.31 18.18 6.71
N ALA B 291 14.16 18.45 5.72
CA ALA B 291 15.63 18.30 5.80
C ALA B 291 16.29 19.53 6.47
N GLY B 292 15.52 20.58 6.80
CA GLY B 292 16.06 21.85 7.30
C GLY B 292 16.98 22.50 6.27
N LEU B 293 16.72 22.31 4.99
CA LEU B 293 17.58 22.85 3.91
C LEU B 293 16.85 23.96 3.15
N ASP B 294 17.65 24.91 2.66
N ASP B 294 17.62 24.94 2.69
CA ASP B 294 17.26 26.02 1.75
CA ASP B 294 17.14 26.02 1.78
C ASP B 294 17.26 25.48 0.33
C ASP B 294 17.26 25.52 0.35
N PRO B 295 16.27 25.81 -0.53
CA PRO B 295 16.33 25.35 -1.92
C PRO B 295 17.69 25.56 -2.63
N ARG B 296 18.41 26.62 -2.24
CA ARG B 296 19.75 26.99 -2.78
C ARG B 296 20.79 25.90 -2.56
N GLN B 297 20.61 25.02 -1.58
CA GLN B 297 21.62 23.97 -1.27
C GLN B 297 21.45 22.77 -2.21
N VAL B 298 20.37 22.68 -2.97
CA VAL B 298 20.10 21.49 -3.81
C VAL B 298 20.98 21.57 -5.07
N ASP B 299 21.68 20.49 -5.38
CA ASP B 299 22.65 20.45 -6.50
C ASP B 299 22.14 19.59 -7.65
N TYR B 300 21.47 18.49 -7.34
CA TYR B 300 21.03 17.51 -8.35
C TYR B 300 19.57 17.12 -8.07
N ILE B 301 18.74 17.06 -9.12
CA ILE B 301 17.37 16.49 -9.07
C ILE B 301 17.27 15.33 -10.07
N ASN B 302 16.97 14.14 -9.58
CA ASN B 302 16.47 13.05 -10.43
C ASN B 302 14.99 13.28 -10.56
N ALA B 303 14.60 13.82 -11.71
CA ALA B 303 13.23 14.22 -12.06
C ALA B 303 12.36 12.96 -12.10
N HIS B 304 11.07 13.12 -11.99
CA HIS B 304 10.10 12.07 -12.41
C HIS B 304 10.31 11.87 -13.92
N GLY B 305 10.25 12.96 -14.71
CA GLY B 305 10.68 13.01 -16.12
C GLY B 305 10.22 11.81 -16.95
N THR B 306 8.91 11.59 -17.05
CA THR B 306 8.30 10.37 -17.65
C THR B 306 8.30 10.43 -19.17
N SER B 307 8.46 11.62 -19.76
CA SER B 307 8.38 11.81 -21.23
C SER B 307 6.91 11.93 -21.67
N THR B 308 5.99 12.34 -20.79
CA THR B 308 4.59 12.69 -21.14
C THR B 308 4.54 14.20 -21.42
N PRO B 309 3.71 14.65 -22.38
CA PRO B 309 3.72 16.08 -22.73
C PRO B 309 3.47 16.96 -21.48
N ALA B 310 2.43 16.68 -20.70
CA ALA B 310 2.00 17.54 -19.57
C ALA B 310 2.87 17.32 -18.31
N GLY B 311 3.37 16.09 -18.07
CA GLY B 311 4.20 15.74 -16.89
C GLY B 311 5.55 16.45 -16.89
N ASP B 312 6.27 16.42 -17.99
CA ASP B 312 7.64 16.99 -18.07
C ASP B 312 7.59 18.49 -17.83
N ILE B 313 6.64 19.18 -18.47
CA ILE B 313 6.51 20.67 -18.39
C ILE B 313 5.99 21.09 -16.99
N ALA B 314 5.11 20.33 -16.34
CA ALA B 314 4.71 20.62 -14.93
C ALA B 314 5.94 20.64 -13.99
N GLU B 315 6.89 19.72 -14.20
N GLU B 315 6.86 19.70 -14.23
CA GLU B 315 8.09 19.57 -13.33
CA GLU B 315 8.09 19.51 -13.42
C GLU B 315 9.05 20.73 -13.57
C GLU B 315 8.99 20.74 -13.58
N ILE B 316 9.19 21.19 -14.83
CA ILE B 316 9.95 22.44 -15.12
C ILE B 316 9.30 23.56 -14.30
N ALA B 317 7.99 23.78 -14.44
CA ALA B 317 7.28 24.85 -13.69
C ALA B 317 7.58 24.70 -12.20
N ALA B 318 7.43 23.50 -11.67
CA ALA B 318 7.58 23.25 -10.22
C ALA B 318 9.00 23.62 -9.77
N VAL B 319 10.01 23.16 -10.50
CA VAL B 319 11.43 23.46 -10.17
C VAL B 319 11.66 24.97 -10.20
N LYS B 320 11.28 25.66 -11.29
CA LYS B 320 11.42 27.14 -11.41
C LYS B 320 10.76 27.83 -10.21
N SER B 321 9.59 27.36 -9.78
CA SER B 321 8.80 27.95 -8.67
C SER B 321 9.50 27.75 -7.31
N VAL B 322 9.94 26.52 -7.02
CA VAL B 322 10.60 26.22 -5.72
C VAL B 322 11.98 26.90 -5.66
N PHE B 323 12.75 26.89 -6.73
CA PHE B 323 14.20 27.15 -6.67
C PHE B 323 14.57 28.57 -7.15
N GLY B 324 13.61 29.31 -7.72
CA GLY B 324 13.78 30.72 -8.20
C GLY B 324 15.07 30.84 -8.97
N GLU B 325 15.99 31.67 -8.48
CA GLU B 325 17.26 32.03 -9.16
C GLU B 325 18.29 30.92 -8.95
N HIS B 326 17.99 29.87 -8.19
CA HIS B 326 18.87 28.68 -8.13
C HIS B 326 18.51 27.64 -9.21
N ALA B 327 17.42 27.83 -9.95
CA ALA B 327 16.79 26.73 -10.73
C ALA B 327 17.70 26.25 -11.87
N HIS B 328 18.57 27.14 -12.39
CA HIS B 328 19.44 26.86 -13.57
C HIS B 328 20.77 26.30 -13.04
N ALA B 329 21.05 26.50 -11.76
CA ALA B 329 22.36 26.16 -11.14
C ALA B 329 22.36 24.68 -10.77
N LEU B 330 21.29 24.19 -10.14
CA LEU B 330 21.11 22.73 -9.99
C LEU B 330 21.08 22.08 -11.38
N SER B 331 21.61 20.86 -11.48
CA SER B 331 21.45 19.96 -12.61
C SER B 331 20.21 19.09 -12.38
N MET B 332 19.38 18.86 -13.40
CA MET B 332 18.17 18.02 -13.27
C MET B 332 18.11 17.06 -14.46
N SER B 333 18.01 15.75 -14.20
CA SER B 333 18.00 14.74 -15.29
C SER B 333 16.92 13.70 -15.03
N SER B 334 16.48 13.09 -16.12
CA SER B 334 15.56 11.93 -16.13
C SER B 334 16.32 10.70 -16.62
N THR B 335 16.60 9.82 -15.68
CA THR B 335 17.18 8.51 -15.98
C THR B 335 16.11 7.64 -16.65
N LYS B 336 14.84 8.07 -16.67
CA LYS B 336 13.80 7.32 -17.45
C LYS B 336 14.07 7.48 -18.94
N SER B 337 14.94 8.44 -19.32
CA SER B 337 15.41 8.60 -20.72
C SER B 337 16.09 7.29 -21.16
N MET B 338 16.72 6.58 -20.24
CA MET B 338 17.46 5.30 -20.48
C MET B 338 16.67 4.06 -20.00
N THR B 339 16.06 4.14 -18.84
CA THR B 339 15.47 2.96 -18.14
C THR B 339 14.00 2.79 -18.54
N GLY B 340 13.39 3.86 -19.01
CA GLY B 340 11.93 3.97 -19.09
C GLY B 340 11.35 4.03 -17.70
N HIS B 341 10.06 3.83 -17.60
CA HIS B 341 9.26 4.13 -16.40
C HIS B 341 8.96 2.80 -15.74
N LEU B 342 9.62 2.50 -14.60
CA LEU B 342 9.40 1.25 -13.79
C LEU B 342 8.18 1.40 -12.85
N LEU B 343 7.33 2.39 -13.11
CA LEU B 343 6.10 2.67 -12.31
C LEU B 343 6.42 2.73 -10.80
N GLY B 344 5.84 1.82 -10.00
CA GLY B 344 6.10 1.75 -8.56
C GLY B 344 7.56 1.56 -8.20
N ALA B 345 8.38 0.94 -9.06
CA ALA B 345 9.81 0.76 -8.76
C ALA B 345 10.64 1.97 -9.22
N ALA B 346 10.06 2.91 -9.96
CA ALA B 346 10.81 4.04 -10.52
C ALA B 346 11.50 4.82 -9.39
N GLY B 347 10.78 5.06 -8.30
CA GLY B 347 11.30 5.84 -7.18
C GLY B 347 12.45 5.16 -6.46
N ALA B 348 12.40 3.83 -6.41
CA ALA B 348 13.38 2.96 -5.73
C ALA B 348 14.70 3.03 -6.52
N VAL B 349 14.66 2.71 -7.81
CA VAL B 349 15.90 2.69 -8.64
C VAL B 349 16.44 4.14 -8.77
N GLU B 350 15.58 5.15 -8.77
CA GLU B 350 16.03 6.55 -8.99
C GLU B 350 16.60 7.11 -7.67
N ALA B 351 16.17 6.64 -6.49
CA ALA B 351 16.81 6.89 -5.17
C ALA B 351 18.24 6.36 -5.23
N ILE B 352 18.43 5.16 -5.76
CA ILE B 352 19.78 4.53 -5.88
C ILE B 352 20.65 5.40 -6.79
N PHE B 353 20.11 5.83 -7.90
CA PHE B 353 20.84 6.66 -8.89
C PHE B 353 21.18 7.99 -8.24
N SER B 354 20.31 8.48 -7.34
CA SER B 354 20.48 9.78 -6.63
C SER B 354 21.61 9.65 -5.60
N VAL B 355 21.63 8.51 -4.93
CA VAL B 355 22.71 8.16 -3.96
C VAL B 355 24.03 7.99 -4.72
N LEU B 356 24.03 7.30 -5.84
CA LEU B 356 25.27 7.06 -6.60
C LEU B 356 25.75 8.35 -7.25
N ALA B 357 24.86 9.31 -7.56
CA ALA B 357 25.26 10.65 -8.05
C ALA B 357 26.07 11.36 -6.97
N LEU B 358 25.63 11.25 -5.72
CA LEU B 358 26.38 11.74 -4.56
C LEU B 358 27.73 11.05 -4.47
N ARG B 359 27.79 9.72 -4.45
CA ARG B 359 29.08 9.00 -4.26
C ARG B 359 30.04 9.43 -5.39
N ASP B 360 29.58 9.50 -6.65
CA ASP B 360 30.49 9.59 -7.82
C ASP B 360 30.63 11.03 -8.31
N GLN B 361 29.87 11.98 -7.73
CA GLN B 361 29.90 13.43 -8.10
C GLN B 361 29.63 13.59 -9.59
N VAL B 362 28.55 12.98 -10.08
CA VAL B 362 28.20 13.00 -11.54
C VAL B 362 26.67 13.04 -11.65
N ALA B 363 26.14 13.96 -12.45
CA ALA B 363 24.72 14.02 -12.83
C ALA B 363 24.54 13.09 -14.02
N PRO B 364 23.70 12.04 -13.88
CA PRO B 364 23.31 11.21 -15.01
C PRO B 364 22.66 12.03 -16.10
N PRO B 365 22.83 11.61 -17.37
CA PRO B 365 22.27 12.35 -18.50
C PRO B 365 20.76 12.18 -18.66
N THR B 366 20.09 13.15 -19.27
CA THR B 366 18.80 12.93 -19.98
C THR B 366 19.14 12.67 -21.44
N ILE B 367 19.21 11.41 -21.89
CA ILE B 367 19.48 11.13 -23.33
C ILE B 367 18.25 11.54 -24.17
N ASN B 368 18.41 11.63 -25.50
CA ASN B 368 17.33 11.88 -26.49
C ASN B 368 16.82 13.35 -26.41
N LEU B 369 17.42 14.23 -25.58
CA LEU B 369 16.97 15.63 -25.39
C LEU B 369 17.62 16.45 -26.51
N ASP B 370 17.14 16.20 -27.73
CA ASP B 370 17.68 16.69 -29.02
C ASP B 370 17.19 18.11 -29.26
N ASN B 371 15.98 18.42 -28.81
CA ASN B 371 15.24 19.70 -29.06
C ASN B 371 14.37 20.02 -27.84
N PRO B 372 14.96 20.58 -26.77
CA PRO B 372 14.21 21.01 -25.60
C PRO B 372 12.96 21.71 -26.12
N ASP B 373 11.85 21.48 -25.42
CA ASP B 373 10.54 22.10 -25.68
C ASP B 373 10.50 23.51 -25.08
N GLU B 374 9.47 24.28 -25.45
CA GLU B 374 9.20 25.64 -24.92
C GLU B 374 9.36 25.68 -23.40
N GLY B 375 10.35 26.41 -22.91
CA GLY B 375 10.51 26.71 -21.47
C GLY B 375 11.39 25.68 -20.79
N CYS B 376 11.82 24.66 -21.52
CA CYS B 376 12.68 23.57 -20.98
C CYS B 376 14.13 24.02 -21.10
N ASP B 377 14.47 25.07 -20.38
CA ASP B 377 15.74 25.84 -20.57
C ASP B 377 16.62 25.68 -19.33
N LEU B 378 16.29 24.72 -18.46
CA LEU B 378 17.09 24.34 -17.26
C LEU B 378 18.28 23.50 -17.70
N ASP B 379 19.23 23.25 -16.81
CA ASP B 379 20.35 22.31 -17.05
C ASP B 379 19.76 20.88 -16.93
N LEU B 380 19.33 20.27 -18.03
CA LEU B 380 18.67 18.95 -18.01
C LEU B 380 19.69 17.85 -18.37
N VAL B 381 20.99 18.21 -18.33
CA VAL B 381 22.09 17.26 -18.61
C VAL B 381 21.81 16.48 -19.90
N ALA B 382 21.52 17.19 -20.99
CA ALA B 382 21.22 16.54 -22.28
C ALA B 382 22.39 15.64 -22.69
N HIS B 383 22.10 14.41 -23.13
CA HIS B 383 23.01 13.55 -23.94
C HIS B 383 24.05 12.85 -23.07
N GLU B 384 24.82 13.58 -22.28
CA GLU B 384 26.03 13.02 -21.62
C GLU B 384 26.02 13.30 -20.11
N ALA B 385 26.57 12.38 -19.35
CA ALA B 385 26.82 12.52 -17.89
C ALA B 385 27.64 13.78 -17.66
N LYS B 386 27.38 14.48 -16.55
CA LYS B 386 28.08 15.74 -16.20
C LYS B 386 28.64 15.58 -14.78
N PRO B 387 29.98 15.38 -14.67
CA PRO B 387 30.65 15.46 -13.39
C PRO B 387 30.45 16.86 -12.79
N ARG B 388 30.11 16.95 -11.51
CA ARG B 388 29.93 18.28 -10.90
C ARG B 388 29.94 18.08 -9.40
N LYS B 389 29.89 19.18 -8.65
CA LYS B 389 29.72 19.15 -7.17
C LYS B 389 28.25 18.84 -6.86
N ILE B 390 28.02 17.81 -6.05
CA ILE B 390 26.68 17.45 -5.52
C ILE B 390 26.83 17.12 -4.04
N ASP B 391 26.45 18.04 -3.16
CA ASP B 391 26.27 17.77 -1.70
C ASP B 391 24.84 17.24 -1.43
N VAL B 392 23.82 17.77 -2.11
CA VAL B 392 22.38 17.47 -1.86
C VAL B 392 21.73 17.04 -3.18
N ALA B 393 21.05 15.88 -3.19
CA ALA B 393 20.28 15.34 -4.34
C ALA B 393 18.81 15.12 -3.97
N LEU B 394 17.87 15.55 -4.82
CA LEU B 394 16.42 15.28 -4.69
C LEU B 394 16.04 14.18 -5.65
N SER B 395 15.09 13.36 -5.24
CA SER B 395 14.44 12.38 -6.13
C SER B 395 12.95 12.61 -6.05
N ASN B 396 12.31 12.92 -7.17
CA ASN B 396 10.85 13.16 -7.22
C ASN B 396 10.13 12.00 -7.92
N SER B 397 8.91 11.71 -7.44
CA SER B 397 7.89 10.86 -8.10
C SER B 397 6.50 11.52 -8.01
N PHE B 398 5.81 11.62 -9.14
CA PHE B 398 4.42 12.16 -9.28
C PHE B 398 3.57 11.05 -9.89
N GLY B 399 2.54 10.58 -9.19
CA GLY B 399 1.69 9.44 -9.64
C GLY B 399 0.24 9.82 -9.91
N PHE B 400 -0.48 8.89 -10.52
CA PHE B 400 -1.94 8.89 -10.74
C PHE B 400 -2.61 9.16 -9.39
N GLY B 401 -3.72 9.89 -9.41
CA GLY B 401 -4.42 10.38 -8.21
C GLY B 401 -3.76 11.64 -7.68
N GLY B 402 -2.72 12.13 -8.36
CA GLY B 402 -1.94 13.34 -8.00
C GLY B 402 -1.17 13.17 -6.71
N THR B 403 -0.64 11.98 -6.46
CA THR B 403 0.13 11.66 -5.24
C THR B 403 1.60 11.94 -5.56
N ASN B 404 2.23 12.77 -4.73
CA ASN B 404 3.64 13.19 -4.90
C ASN B 404 4.52 12.68 -3.76
N GLY B 405 5.76 12.39 -4.11
CA GLY B 405 6.83 12.02 -3.19
C GLY B 405 8.12 12.72 -3.57
N THR B 406 8.84 13.24 -2.57
CA THR B 406 10.21 13.75 -2.75
C THR B 406 11.12 13.18 -1.64
N LEU B 407 12.29 12.68 -2.03
CA LEU B 407 13.35 12.23 -1.13
C LEU B 407 14.54 13.19 -1.29
N VAL B 408 15.13 13.60 -0.15
CA VAL B 408 16.34 14.46 -0.10
C VAL B 408 17.47 13.66 0.54
N PHE B 409 18.55 13.43 -0.23
CA PHE B 409 19.79 12.75 0.17
C PHE B 409 20.92 13.77 0.25
N ARG B 410 21.76 13.63 1.26
CA ARG B 410 22.97 14.45 1.49
C ARG B 410 24.19 13.53 1.50
N ARG B 411 25.33 14.01 0.97
CA ARG B 411 26.68 13.39 1.14
C ARG B 411 26.93 13.22 2.65
N PHE B 412 27.49 12.07 3.07
CA PHE B 412 27.81 11.73 4.49
C PHE B 412 29.33 11.71 4.67
N ALA B 413 29.86 12.41 5.68
CA ALA B 413 31.29 12.42 6.06
C ALA B 413 31.47 13.20 7.39
N1 GX4 C . -4.12 -4.34 -9.80
N1 GX4 C . -3.18 -5.80 -8.12
C4 GX4 C . -3.60 -7.77 -5.92
C4 GX4 C . -3.13 -3.23 -12.05
C5 GX4 C . -3.95 -9.10 -5.68
C5 GX4 C . -3.15 -2.42 -13.15
C6 GX4 C . -4.77 -4.73 -7.42
C6 GX4 C . -3.40 -5.68 -10.50
C7 GX4 C . -4.52 -3.69 -8.55
C7 GX4 C . -2.73 -6.39 -9.34
C8 GX4 C . -3.31 -5.56 -9.61
C8 GX4 C . -2.82 -4.38 -8.02
C10 GX4 C . -3.84 -3.58 -10.93
C10 GX4 C . -3.76 -6.46 -7.06
C13 GX4 C . -5.51 -3.20 -12.77
C13 GX4 C . -3.92 -8.52 -5.49
O GX4 C . -2.75 -3.62 -11.47
O GX4 C . -4.33 -5.76 -6.29
C11 GX4 C . -4.90 -2.73 -11.48
C11 GX4 C . -3.66 -7.97 -6.88
C12 GX4 C . -4.61 -2.00 -12.79
C12 GX4 C . -4.92 -8.74 -6.59
C9 GX4 C . -2.67 -5.56 -8.22
C9 GX4 C . -3.48 -3.57 -9.14
N GX4 C . -3.69 -5.70 -7.17
N GX4 C . -4.13 -4.41 -10.21
C3 GX4 C . -4.09 -7.08 -7.04
C3 GX4 C . -4.32 -3.57 -11.36
C2 GX4 C . -4.93 -7.76 -7.90
C2 GX4 C . -5.52 -3.06 -11.82
C1 GX4 C . -5.25 -9.10 -7.68
C1 GX4 C . -5.54 -2.25 -12.96
C GX4 C . -4.79 -9.75 -6.57
C GX4 C . -4.35 -1.93 -13.60
F GX4 C . -5.23 -10.96 -6.33
F GX4 C . -4.37 -1.11 -14.63
N1 GX4 D . -1.80 -24.39 -0.57
C4 GX4 D . -3.41 -19.70 -0.08
C5 GX4 D . -4.46 -18.81 0.09
C6 GX4 D . -1.77 -21.90 -0.84
C7 GX4 D . -1.05 -23.23 -1.10
C8 GX4 D . -2.67 -24.03 0.60
C10 GX4 D . -1.30 -25.72 -0.68
C13 GX4 D . 0.73 -25.66 0.94
O GX4 D . -2.08 -26.63 -0.96
C11 GX4 D . 0.17 -25.97 -0.46
C12 GX4 D . 0.60 -27.10 0.48
C9 GX4 D . -1.99 -22.87 1.40
N GX4 D . -1.96 -21.58 0.61
C3 GX4 D . -3.05 -20.63 0.94
C2 GX4 D . -3.79 -20.57 2.15
C1 GX4 D . -4.83 -19.67 2.33
C GX4 D . -5.18 -18.80 1.28
F GX4 D . -6.24 -17.94 1.41
S DMS E . -0.88 7.58 17.82
O DMS E . 0.41 7.65 17.07
C1 DMS E . -0.93 6.02 18.67
C2 DMS E . -0.68 8.60 19.25
S DMS F . -1.76 -10.33 34.16
O DMS F . -3.17 -10.57 34.67
C1 DMS F . -1.78 -8.91 33.08
C2 DMS F . -0.82 -9.64 35.51
S DMS G . -14.53 -3.85 -19.92
O DMS G . -13.47 -3.86 -20.97
C1 DMS G . -15.97 -4.60 -20.66
C2 DMS G . -15.13 -2.17 -19.85
S DMS H . 19.45 -15.15 -1.60
O DMS H . 20.32 -14.21 -0.77
C1 DMS H . 20.28 -16.72 -1.61
C2 DMS H . 18.09 -15.59 -0.53
S DMS I . 20.67 -15.63 15.67
O DMS I . 21.16 -14.72 16.78
C1 DMS I . 22.04 -15.90 14.60
C2 DMS I . 20.55 -17.25 16.41
S DMS J . 13.82 11.05 8.14
O DMS J . 12.45 11.06 8.77
C1 DMS J . 13.56 11.21 6.41
C2 DMS J . 14.45 12.68 8.43
S DMS K . 0.69 -18.93 -9.25
O DMS K . -0.24 -17.96 -9.90
C1 DMS K . 1.27 -20.00 -10.54
C2 DMS K . 2.21 -18.07 -8.98
S DMS L . 25.17 -8.06 -4.56
O DMS L . 24.50 -7.15 -3.56
C1 DMS L . 24.87 -7.41 -6.17
C2 DMS L . 24.21 -9.51 -4.69
S DMS M . 5.15 -17.86 -12.46
O DMS M . 5.45 -16.83 -11.44
C1 DMS M . 6.58 -18.92 -12.51
C2 DMS M . 5.35 -17.07 -14.04
S DMS N . 21.80 -12.22 7.33
O DMS N . 21.75 -12.34 8.84
C1 DMS N . 21.67 -13.87 6.68
C2 DMS N . 23.51 -11.95 6.94
P PO4 O . 22.12 -4.82 17.39
O1 PO4 O . 21.98 -6.17 18.10
O2 PO4 O . 23.38 -4.12 17.81
O3 PO4 O . 22.15 -5.03 15.85
O4 PO4 O . 20.96 -3.93 17.78
#